data_3D9W
#
_entry.id   3D9W
#
_cell.length_a   61.340
_cell.length_b   140.920
_cell.length_c   74.850
_cell.angle_alpha   90.000
_cell.angle_beta   101.830
_cell.angle_gamma   90.000
#
_symmetry.space_group_name_H-M   'P 1 21 1'
#
loop_
_entity.id
_entity.type
_entity.pdbx_description
1 polymer 'Putative acetyltransferase'
2 water water
#
_entity_poly.entity_id   1
_entity_poly.type   'polypeptide(L)'
_entity_poly.pdbx_seq_one_letter_code
;MSKPDDPAYHWNGAELDLDAYLARIGFAGERAPTLATLRELVYRHTTAIPFENLEAVLGRPVRLDLATLQDKLVHSRRGG
YCYENAGLFAAALERLGFGVTGHTGRVTMGAGGLRPATHALLRVTTADDDRVWMCDVGFGRGPLRPYELRPQPDEFTLGD
WRFRLERRTGELGTDLWVLHQFGRDGWVDRYTFTTAPQYRIDFEVGNHFVSTSPRSPFTTRPFLQRFHSDRHHVLDGLTL
ITERPDGSADIRALTPGELPEVINELFDIELPGPDLDALTTGSWLERVAAGTP
;
_entity_poly.pdbx_strand_id   A,B,C,D
#
# COMPACT_ATOMS: atom_id res chain seq x y z
N PRO A 4 -1.57 1.01 17.42
CA PRO A 4 -2.11 0.34 16.20
C PRO A 4 -1.13 -0.69 15.67
N ASP A 5 -1.49 -1.35 14.58
CA ASP A 5 -0.58 -2.36 14.04
C ASP A 5 -0.17 -2.06 12.61
N ASP A 6 -0.90 -1.19 11.93
CA ASP A 6 -0.53 -0.85 10.56
C ASP A 6 0.95 -0.43 10.57
N PRO A 7 1.76 -0.98 9.66
CA PRO A 7 3.19 -0.67 9.57
C PRO A 7 3.44 0.83 9.45
N ALA A 8 2.40 1.57 9.12
CA ALA A 8 2.50 3.02 8.99
C ALA A 8 2.85 3.64 10.34
N TYR A 9 2.43 3.00 11.42
CA TYR A 9 2.70 3.54 12.74
C TYR A 9 4.00 3.07 13.34
N HIS A 10 4.82 2.39 12.55
CA HIS A 10 6.08 1.87 13.05
C HIS A 10 7.29 2.34 12.24
N TRP A 11 8.43 1.68 12.37
CA TRP A 11 9.59 2.18 11.65
C TRP A 11 10.32 1.27 10.68
N ASN A 12 9.56 0.41 10.01
CA ASN A 12 10.11 -0.53 9.02
C ASN A 12 11.43 -1.16 9.47
N GLY A 13 11.48 -1.72 10.66
CA GLY A 13 12.69 -2.34 11.15
C GLY A 13 13.11 -3.54 10.30
N ALA A 14 12.14 -4.23 9.73
CA ALA A 14 12.43 -5.39 8.90
C ALA A 14 13.44 -5.07 7.81
N GLU A 15 13.14 -4.05 7.01
CA GLU A 15 14.00 -3.64 5.91
C GLU A 15 15.42 -3.23 6.27
N LEU A 16 15.75 -3.28 7.56
CA LEU A 16 17.09 -2.87 8.03
C LEU A 16 18.07 -4.03 8.12
N ASP A 17 19.30 -3.80 7.69
CA ASP A 17 20.32 -4.83 7.79
C ASP A 17 20.92 -4.55 9.16
N LEU A 18 20.32 -5.15 10.19
CA LEU A 18 20.76 -4.91 11.55
C LEU A 18 22.27 -5.09 11.74
N ASP A 19 22.83 -6.12 11.14
CA ASP A 19 24.25 -6.39 11.31
C ASP A 19 25.16 -5.40 10.59
N ALA A 20 24.75 -4.96 9.41
CA ALA A 20 25.58 -3.97 8.71
C ALA A 20 25.61 -2.73 9.60
N TYR A 21 24.43 -2.29 10.02
CA TYR A 21 24.29 -1.12 10.87
C TYR A 21 25.09 -1.19 12.18
N LEU A 22 24.81 -2.19 13.00
CA LEU A 22 25.50 -2.34 14.28
C LEU A 22 27.02 -2.39 14.10
N ALA A 23 27.44 -2.98 12.99
CA ALA A 23 28.86 -3.09 12.67
C ALA A 23 29.41 -1.72 12.34
N ARG A 24 28.62 -0.96 11.59
CA ARG A 24 29.04 0.37 11.18
C ARG A 24 29.21 1.36 12.32
N ILE A 25 28.37 1.29 13.36
CA ILE A 25 28.49 2.22 14.48
C ILE A 25 29.38 1.66 15.57
N GLY A 26 29.70 0.38 15.46
CA GLY A 26 30.56 -0.25 16.43
C GLY A 26 29.88 -0.78 17.68
N PHE A 27 28.65 -1.26 17.53
CA PHE A 27 27.96 -1.78 18.68
C PHE A 27 28.68 -3.04 19.15
N ALA A 28 28.62 -3.35 20.44
CA ALA A 28 29.30 -4.54 20.92
C ALA A 28 28.64 -5.16 22.15
N GLY A 29 27.49 -4.63 22.54
CA GLY A 29 26.81 -5.15 23.71
C GLY A 29 25.73 -6.18 23.42
N GLU A 30 24.99 -6.54 24.47
CA GLU A 30 23.90 -7.51 24.36
C GLU A 30 22.78 -7.01 23.47
N ARG A 31 22.34 -7.86 22.54
CA ARG A 31 21.28 -7.49 21.61
C ARG A 31 19.85 -7.58 22.12
N ALA A 32 19.58 -6.91 23.23
CA ALA A 32 18.23 -6.92 23.79
C ALA A 32 17.86 -5.47 24.11
N PRO A 33 16.56 -5.22 24.30
CA PRO A 33 16.01 -3.89 24.62
C PRO A 33 16.22 -3.43 26.06
N THR A 34 17.48 -3.40 26.48
CA THR A 34 17.83 -2.97 27.84
C THR A 34 18.39 -1.55 27.82
N LEU A 35 18.21 -0.83 28.93
CA LEU A 35 18.71 0.54 29.02
C LEU A 35 20.21 0.57 28.73
N ALA A 36 20.89 -0.53 29.07
CA ALA A 36 22.34 -0.62 28.83
C ALA A 36 22.61 -0.57 27.33
N THR A 37 21.79 -1.26 26.56
CA THR A 37 21.94 -1.28 25.11
C THR A 37 21.61 0.11 24.53
N LEU A 38 20.49 0.68 24.97
CA LEU A 38 20.08 1.99 24.47
C LEU A 38 21.15 3.03 24.72
N ARG A 39 21.77 2.98 25.89
CA ARG A 39 22.82 3.93 26.21
C ARG A 39 24.03 3.77 25.31
N GLU A 40 24.20 2.58 24.73
CA GLU A 40 25.34 2.35 23.84
C GLU A 40 24.97 2.63 22.39
N LEU A 41 23.73 2.31 22.02
CA LEU A 41 23.27 2.56 20.68
C LEU A 41 23.41 4.04 20.39
N VAL A 42 22.89 4.86 21.29
CA VAL A 42 22.95 6.31 21.13
C VAL A 42 24.37 6.84 21.03
N TYR A 43 25.24 6.33 21.88
CA TYR A 43 26.62 6.75 21.91
C TYR A 43 27.37 6.40 20.61
N ARG A 44 27.28 5.14 20.21
CA ARG A 44 27.96 4.68 19.00
C ARG A 44 27.54 5.46 17.76
N HIS A 45 26.23 5.61 17.59
CA HIS A 45 25.65 6.32 16.45
C HIS A 45 26.03 7.79 16.43
N THR A 46 25.77 8.50 17.51
CA THR A 46 26.10 9.91 17.55
C THR A 46 27.57 10.20 17.35
N THR A 47 28.42 9.26 17.71
CA THR A 47 29.87 9.47 17.56
C THR A 47 30.48 8.80 16.33
N ALA A 48 29.64 8.10 15.58
CA ALA A 48 30.10 7.41 14.38
C ALA A 48 29.61 8.05 13.09
N ILE A 49 28.30 8.36 13.02
CA ILE A 49 27.71 8.92 11.81
C ILE A 49 27.90 10.42 11.62
N PRO A 50 28.39 10.85 10.44
CA PRO A 50 28.60 12.28 10.16
C PRO A 50 27.26 13.01 9.95
N PHE A 51 27.30 14.33 10.08
CA PHE A 51 26.11 15.14 9.86
C PHE A 51 26.32 16.01 8.63
N GLU A 52 25.35 16.03 7.72
CA GLU A 52 25.52 16.82 6.50
C GLU A 52 24.23 17.06 5.75
N ASN A 53 24.22 18.13 4.97
CA ASN A 53 23.08 18.53 4.16
C ASN A 53 23.54 18.64 2.72
N LEU A 54 24.63 17.96 2.39
CA LEU A 54 25.18 18.03 1.05
C LEU A 54 24.25 17.71 -0.12
N GLU A 55 23.43 16.68 -0.03
CA GLU A 55 22.52 16.37 -1.13
C GLU A 55 21.66 17.57 -1.46
N ALA A 56 21.11 18.18 -0.42
CA ALA A 56 20.26 19.37 -0.57
C ALA A 56 21.02 20.54 -1.22
N VAL A 57 22.29 20.69 -0.85
CA VAL A 57 23.08 21.77 -1.41
C VAL A 57 23.44 21.49 -2.86
N LEU A 58 23.48 20.22 -3.22
CA LEU A 58 23.82 19.85 -4.58
C LEU A 58 22.58 19.85 -5.47
N GLY A 59 21.45 20.30 -4.91
CA GLY A 59 20.21 20.35 -5.66
C GLY A 59 19.50 19.02 -5.78
N ARG A 60 20.02 18.02 -5.10
CA ARG A 60 19.44 16.69 -5.14
C ARG A 60 18.47 16.45 -3.98
N PRO A 61 17.58 15.48 -4.13
CA PRO A 61 16.57 15.11 -3.14
C PRO A 61 17.15 14.27 -1.99
N VAL A 62 16.47 14.33 -0.84
CA VAL A 62 16.89 13.57 0.33
C VAL A 62 15.81 12.55 0.60
N ARG A 63 16.10 11.27 0.39
CA ARG A 63 15.10 10.25 0.62
C ARG A 63 15.22 9.56 1.98
N LEU A 64 14.07 9.28 2.60
CA LEU A 64 14.04 8.65 3.90
C LEU A 64 13.72 7.16 3.94
N ASP A 65 13.66 6.51 2.78
CA ASP A 65 13.41 5.08 2.78
C ASP A 65 14.68 4.43 3.29
N LEU A 66 14.55 3.31 3.99
CA LEU A 66 15.70 2.62 4.54
C LEU A 66 16.71 2.20 3.48
N ALA A 67 16.23 1.89 2.29
CA ALA A 67 17.14 1.50 1.23
C ALA A 67 18.23 2.55 1.10
N THR A 68 17.85 3.77 0.74
CA THR A 68 18.82 4.84 0.59
C THR A 68 19.59 5.11 1.89
N LEU A 69 18.86 5.27 2.99
CA LEU A 69 19.49 5.55 4.27
C LEU A 69 20.61 4.58 4.60
N GLN A 70 20.47 3.32 4.17
CA GLN A 70 21.50 2.34 4.44
C GLN A 70 22.66 2.39 3.47
N ASP A 71 22.39 2.68 2.20
CA ASP A 71 23.48 2.75 1.23
C ASP A 71 24.33 4.00 1.42
N LYS A 72 23.72 5.03 2.02
CA LYS A 72 24.38 6.30 2.27
C LYS A 72 25.10 6.36 3.62
N LEU A 73 24.37 6.05 4.69
CA LEU A 73 24.91 6.11 6.05
C LEU A 73 25.64 4.88 6.57
N VAL A 74 25.36 3.71 6.00
CA VAL A 74 26.01 2.48 6.45
C VAL A 74 27.02 1.93 5.45
N HIS A 75 26.81 2.17 4.16
CA HIS A 75 27.73 1.64 3.15
C HIS A 75 28.53 2.67 2.38
N SER A 76 28.51 3.92 2.82
CA SER A 76 29.26 4.96 2.14
C SER A 76 29.80 5.93 3.16
N ARG A 77 30.73 6.77 2.72
CA ARG A 77 31.32 7.77 3.60
C ARG A 77 30.50 9.01 3.41
N ARG A 78 29.29 8.97 3.94
CA ARG A 78 28.38 10.08 3.85
C ARG A 78 27.54 10.08 5.11
N GLY A 79 26.99 11.23 5.44
CA GLY A 79 26.16 11.35 6.62
C GLY A 79 24.79 11.83 6.21
N GLY A 80 24.02 12.34 7.17
CA GLY A 80 22.69 12.86 6.90
C GLY A 80 22.30 13.78 8.03
N TYR A 81 21.13 14.40 7.95
CA TYR A 81 20.71 15.26 9.04
C TYR A 81 19.69 14.57 9.93
N CYS A 82 19.01 15.33 10.78
CA CYS A 82 18.04 14.76 11.72
C CYS A 82 17.14 13.63 11.23
N TYR A 83 16.31 13.88 10.23
CA TYR A 83 15.40 12.86 9.71
C TYR A 83 16.12 11.59 9.23
N GLU A 84 17.16 11.76 8.44
CA GLU A 84 17.90 10.63 7.92
C GLU A 84 18.43 9.81 9.09
N ASN A 85 19.05 10.50 10.03
CA ASN A 85 19.62 9.85 11.20
C ASN A 85 18.59 9.18 12.09
N ALA A 86 17.53 9.89 12.44
CA ALA A 86 16.50 9.34 13.30
C ALA A 86 15.77 8.16 12.64
N GLY A 87 15.54 8.28 11.34
CA GLY A 87 14.84 7.23 10.61
C GLY A 87 15.56 5.90 10.66
N LEU A 88 16.88 5.96 10.57
CA LEU A 88 17.70 4.76 10.60
C LEU A 88 17.76 4.23 12.03
N PHE A 89 17.97 5.14 12.98
CA PHE A 89 18.06 4.76 14.39
C PHE A 89 16.75 4.13 14.87
N ALA A 90 15.62 4.64 14.40
CA ALA A 90 14.34 4.09 14.81
C ALA A 90 14.19 2.63 14.35
N ALA A 91 14.57 2.36 13.10
CA ALA A 91 14.51 1.02 12.56
C ALA A 91 15.30 0.04 13.43
N ALA A 92 16.52 0.41 13.80
CA ALA A 92 17.34 -0.44 14.64
C ALA A 92 16.69 -0.65 16.00
N LEU A 93 16.25 0.43 16.62
CA LEU A 93 15.61 0.37 17.92
C LEU A 93 14.48 -0.64 17.90
N GLU A 94 13.58 -0.47 16.93
CA GLU A 94 12.44 -1.37 16.79
C GLU A 94 12.95 -2.82 16.71
N ARG A 95 13.83 -3.05 15.74
CA ARG A 95 14.40 -4.37 15.54
C ARG A 95 14.84 -5.04 16.83
N LEU A 96 15.52 -4.29 17.70
CA LEU A 96 16.01 -4.84 18.96
C LEU A 96 14.92 -5.01 20.01
N GLY A 97 13.67 -4.76 19.63
CA GLY A 97 12.57 -4.92 20.58
C GLY A 97 12.31 -3.74 21.50
N PHE A 98 12.70 -2.56 21.07
CA PHE A 98 12.48 -1.36 21.86
C PHE A 98 11.12 -0.76 21.58
N GLY A 99 10.66 0.08 22.51
CA GLY A 99 9.40 0.76 22.34
C GLY A 99 9.75 2.07 21.69
N VAL A 100 9.29 2.28 20.46
CA VAL A 100 9.61 3.50 19.75
C VAL A 100 8.40 4.29 19.26
N THR A 101 8.41 5.58 19.61
CA THR A 101 7.35 6.51 19.27
C THR A 101 8.05 7.83 18.94
N GLY A 102 7.54 8.59 17.97
CA GLY A 102 8.22 9.82 17.61
C GLY A 102 7.67 11.13 18.08
N HIS A 103 8.54 12.13 18.07
CA HIS A 103 8.21 13.51 18.45
C HIS A 103 8.95 14.46 17.51
N THR A 104 8.52 15.71 17.50
CA THR A 104 9.15 16.71 16.66
C THR A 104 9.39 17.95 17.49
N GLY A 105 10.57 18.54 17.31
CA GLY A 105 10.88 19.73 18.06
C GLY A 105 11.17 20.90 17.16
N ARG A 106 11.22 22.09 17.78
CA ARG A 106 11.51 23.33 17.08
C ARG A 106 12.87 23.80 17.59
N VAL A 107 13.85 23.84 16.71
CA VAL A 107 15.15 24.30 17.13
C VAL A 107 15.04 25.81 17.32
N THR A 108 15.74 26.31 18.33
CA THR A 108 15.70 27.72 18.64
C THR A 108 17.13 28.24 18.73
N MET A 109 17.98 27.49 19.41
CA MET A 109 19.37 27.88 19.58
C MET A 109 19.52 29.32 20.00
N GLY A 110 18.80 29.71 21.04
CA GLY A 110 18.90 31.07 21.53
C GLY A 110 18.10 32.08 20.73
N ALA A 111 17.75 31.74 19.50
CA ALA A 111 16.97 32.67 18.69
C ALA A 111 15.60 32.94 19.36
N GLY A 112 14.68 33.52 18.60
CA GLY A 112 13.38 33.81 19.15
C GLY A 112 12.31 33.38 18.19
N GLY A 113 11.24 34.15 18.09
CA GLY A 113 10.15 33.78 17.20
C GLY A 113 9.75 32.33 17.36
N LEU A 114 9.16 31.78 16.31
CA LEU A 114 8.71 30.40 16.33
C LEU A 114 9.23 29.72 15.07
N ARG A 115 10.20 28.83 15.23
CA ARG A 115 10.75 28.13 14.08
C ARG A 115 9.94 26.88 13.80
N PRO A 116 10.12 26.31 12.60
CA PRO A 116 9.40 25.11 12.20
C PRO A 116 9.66 23.90 13.10
N ALA A 117 8.66 23.04 13.23
CA ALA A 117 8.83 21.82 14.02
C ALA A 117 9.32 20.79 13.00
N THR A 118 10.63 20.75 12.79
CA THR A 118 11.21 19.86 11.81
C THR A 118 12.44 19.11 12.33
N HIS A 119 12.51 18.92 13.64
CA HIS A 119 13.64 18.22 14.23
C HIS A 119 13.24 16.88 14.86
N ALA A 120 13.55 15.79 14.15
CA ALA A 120 13.21 14.45 14.59
C ALA A 120 13.74 14.07 15.97
N LEU A 121 12.85 13.58 16.81
CA LEU A 121 13.21 13.15 18.16
C LEU A 121 12.56 11.80 18.40
N LEU A 122 13.18 10.99 19.24
CA LEU A 122 12.64 9.68 19.54
C LEU A 122 12.39 9.46 21.04
N ARG A 123 11.15 9.10 21.36
CA ARG A 123 10.71 8.80 22.74
C ARG A 123 10.85 7.28 22.81
N VAL A 124 11.77 6.81 23.67
CA VAL A 124 12.04 5.38 23.79
C VAL A 124 11.78 4.74 25.15
N THR A 125 11.32 3.49 25.13
CA THR A 125 11.03 2.73 26.34
C THR A 125 11.76 1.38 26.34
N THR A 126 12.46 1.08 27.44
CA THR A 126 13.19 -0.18 27.52
C THR A 126 12.35 -1.27 28.18
N ALA A 127 12.95 -2.45 28.34
CA ALA A 127 12.27 -3.59 28.93
C ALA A 127 12.56 -3.78 30.41
N ASP A 128 13.35 -2.86 30.97
CA ASP A 128 13.72 -2.92 32.38
C ASP A 128 12.71 -2.22 33.28
N ASP A 129 12.13 -1.14 32.79
CA ASP A 129 11.17 -0.39 33.58
C ASP A 129 10.32 0.53 32.73
N ASP A 130 9.55 1.40 33.38
CA ASP A 130 8.65 2.29 32.66
C ASP A 130 9.21 3.68 32.36
N ARG A 131 10.50 3.89 32.60
CA ARG A 131 11.08 5.20 32.34
C ARG A 131 11.07 5.50 30.87
N VAL A 132 10.87 6.77 30.53
CA VAL A 132 10.83 7.21 29.15
C VAL A 132 12.14 7.88 28.75
N TRP A 133 12.74 7.42 27.66
CA TRP A 133 13.99 7.99 27.22
C TRP A 133 13.90 8.73 25.89
N MET A 134 14.52 9.91 25.86
CA MET A 134 14.54 10.74 24.66
C MET A 134 15.83 10.48 23.94
N CYS A 135 15.75 10.04 22.69
CA CYS A 135 16.95 9.80 21.89
C CYS A 135 17.04 10.81 20.76
N ASP A 136 17.99 11.73 20.91
CA ASP A 136 18.23 12.76 19.90
C ASP A 136 19.53 12.38 19.20
N VAL A 137 19.40 11.52 18.20
CA VAL A 137 20.55 11.03 17.48
C VAL A 137 20.85 11.73 16.16
N GLY A 138 20.05 12.74 15.82
CA GLY A 138 20.28 13.40 14.56
C GLY A 138 20.59 14.89 14.61
N PHE A 139 20.74 15.43 15.81
CA PHE A 139 21.02 16.86 15.95
C PHE A 139 22.41 17.20 15.40
N GLY A 140 23.35 16.28 15.57
CA GLY A 140 24.69 16.52 15.08
C GLY A 140 25.65 16.86 16.19
N ARG A 141 25.11 17.11 17.38
CA ARG A 141 25.92 17.44 18.56
C ARG A 141 25.43 16.63 19.75
N GLY A 142 25.19 15.34 19.52
CA GLY A 142 24.71 14.50 20.60
C GLY A 142 23.34 14.96 21.00
N PRO A 143 22.90 14.70 22.24
CA PRO A 143 23.62 14.00 23.30
C PRO A 143 24.04 12.59 22.93
N LEU A 144 25.21 12.17 23.40
CA LEU A 144 25.71 10.83 23.11
C LEU A 144 25.17 9.73 24.03
N ARG A 145 24.11 10.07 24.76
CA ARG A 145 23.41 9.15 25.67
C ARG A 145 21.99 9.69 25.72
N PRO A 146 21.00 8.81 25.86
CA PRO A 146 19.63 9.30 25.90
C PRO A 146 19.37 10.04 27.22
N TYR A 147 18.47 11.01 27.18
CA TYR A 147 18.12 11.72 28.39
C TYR A 147 16.69 11.39 28.77
N GLU A 148 16.47 11.11 30.04
CA GLU A 148 15.16 10.73 30.55
C GLU A 148 14.13 11.83 30.31
N LEU A 149 12.91 11.44 29.96
CA LEU A 149 11.86 12.42 29.71
C LEU A 149 11.19 12.91 31.00
N ARG A 150 11.94 13.60 31.85
CA ARG A 150 11.38 14.14 33.09
C ARG A 150 12.05 15.47 33.45
N PRO A 151 11.35 16.32 34.22
CA PRO A 151 11.89 17.62 34.63
C PRO A 151 13.28 17.52 35.26
N GLN A 152 14.23 18.25 34.69
CA GLN A 152 15.60 18.27 35.19
C GLN A 152 16.18 19.66 34.98
N PRO A 153 15.68 20.64 35.73
CA PRO A 153 16.17 22.02 35.59
C PRO A 153 17.63 22.17 35.96
N ASP A 154 18.11 21.31 36.85
CA ASP A 154 19.49 21.37 37.30
C ASP A 154 20.49 20.73 36.33
N GLU A 155 21.57 21.46 36.07
CA GLU A 155 22.62 20.99 35.17
C GLU A 155 23.01 19.53 35.42
N PHE A 156 22.80 18.68 34.42
CA PHE A 156 23.20 17.28 34.51
C PHE A 156 24.16 17.02 33.36
N THR A 157 24.82 15.87 33.35
CA THR A 157 25.77 15.59 32.27
C THR A 157 25.58 14.28 31.53
N LEU A 158 25.54 14.37 30.20
CA LEU A 158 25.43 13.21 29.33
C LEU A 158 26.84 13.16 28.75
N GLY A 159 27.65 12.26 29.27
CA GLY A 159 29.03 12.22 28.85
C GLY A 159 29.60 13.42 29.59
N ASP A 160 30.37 14.26 28.90
CA ASP A 160 30.96 15.44 29.54
C ASP A 160 30.28 16.72 29.10
N TRP A 161 29.14 16.57 28.42
CA TRP A 161 28.40 17.72 27.95
C TRP A 161 27.30 18.02 28.96
N ARG A 162 27.13 19.30 29.29
CA ARG A 162 26.15 19.73 30.27
C ARG A 162 24.81 20.15 29.68
N PHE A 163 23.73 19.70 30.31
CA PHE A 163 22.36 19.99 29.87
C PHE A 163 21.41 20.30 31.02
N ARG A 164 20.16 20.61 30.63
CA ARG A 164 19.06 20.94 31.53
C ARG A 164 17.77 20.66 30.77
N LEU A 165 16.94 19.78 31.31
CA LEU A 165 15.67 19.48 30.67
C LEU A 165 14.63 20.27 31.45
N GLU A 166 13.82 21.03 30.73
CA GLU A 166 12.82 21.86 31.37
C GLU A 166 11.42 21.54 30.85
N ARG A 167 10.44 21.51 31.75
CA ARG A 167 9.05 21.25 31.35
C ARG A 167 8.20 22.49 31.56
N ARG A 168 7.74 23.08 30.46
CA ARG A 168 6.92 24.27 30.53
C ARG A 168 5.52 23.94 30.04
N THR A 169 4.70 24.98 29.94
CA THR A 169 3.34 24.83 29.46
C THR A 169 3.16 25.78 28.28
N GLY A 170 2.69 25.23 27.16
CA GLY A 170 2.46 26.03 25.96
C GLY A 170 0.99 26.38 25.87
N GLU A 171 0.54 26.72 24.67
CA GLU A 171 -0.86 27.05 24.49
C GLU A 171 -1.73 25.84 24.85
N LEU A 172 -2.90 26.11 25.43
CA LEU A 172 -3.85 25.06 25.80
C LEU A 172 -3.45 24.16 26.96
N GLY A 173 -2.44 24.57 27.73
CA GLY A 173 -2.01 23.79 28.87
C GLY A 173 -1.31 22.51 28.43
N THR A 174 -0.60 22.63 27.31
CA THR A 174 0.11 21.52 26.75
C THR A 174 1.55 21.52 27.22
N ASP A 175 2.18 20.35 27.18
CA ASP A 175 3.58 20.24 27.59
C ASP A 175 4.50 20.88 26.56
N LEU A 176 5.46 21.65 27.03
CA LEU A 176 6.43 22.26 26.15
C LEU A 176 7.79 22.02 26.78
N TRP A 177 8.54 21.06 26.24
CA TRP A 177 9.84 20.75 26.79
C TRP A 177 10.94 21.60 26.16
N VAL A 178 11.95 21.91 26.96
CA VAL A 178 13.07 22.70 26.49
C VAL A 178 14.39 22.09 26.97
N LEU A 179 15.21 21.65 26.03
CA LEU A 179 16.50 21.07 26.38
C LEU A 179 17.52 22.21 26.30
N HIS A 180 18.33 22.35 27.34
CA HIS A 180 19.35 23.41 27.38
C HIS A 180 20.74 22.82 27.29
N GLN A 181 21.59 23.36 26.42
CA GLN A 181 22.95 22.85 26.29
C GLN A 181 23.92 23.97 26.61
N PHE A 182 25.10 23.62 27.13
CA PHE A 182 26.14 24.59 27.45
C PHE A 182 27.15 24.58 26.31
N GLY A 183 27.47 25.76 25.78
CA GLY A 183 28.41 25.82 24.67
C GLY A 183 29.10 27.16 24.42
N ARG A 184 29.66 27.30 23.23
CA ARG A 184 30.40 28.49 22.82
C ARG A 184 29.91 29.83 23.37
N ASP A 185 28.60 29.97 23.55
CA ASP A 185 28.03 31.21 24.06
C ASP A 185 27.38 31.04 25.43
N GLY A 186 27.86 30.06 26.19
CA GLY A 186 27.29 29.81 27.50
C GLY A 186 26.05 28.96 27.39
N TRP A 187 25.21 28.98 28.40
CA TRP A 187 23.99 28.19 28.35
C TRP A 187 23.08 28.69 27.24
N VAL A 188 22.19 27.83 26.78
CA VAL A 188 21.29 28.23 25.73
C VAL A 188 20.25 27.14 25.51
N ASP A 189 19.11 27.56 24.97
CA ASP A 189 18.03 26.65 24.67
C ASP A 189 18.30 26.08 23.28
N ARG A 190 18.51 24.76 23.23
CA ARG A 190 18.76 24.13 21.95
C ARG A 190 17.44 24.15 21.19
N TYR A 191 16.45 23.43 21.68
CA TYR A 191 15.16 23.35 21.01
C TYR A 191 14.01 23.13 21.98
N THR A 192 12.81 23.07 21.44
CA THR A 192 11.64 22.80 22.24
C THR A 192 10.83 21.71 21.53
N PHE A 193 10.07 20.93 22.28
CA PHE A 193 9.25 19.89 21.67
C PHE A 193 8.02 19.52 22.49
N THR A 194 7.02 18.99 21.80
CA THR A 194 5.79 18.56 22.46
C THR A 194 5.80 17.05 22.49
N THR A 195 4.79 16.46 23.11
CA THR A 195 4.74 15.01 23.18
C THR A 195 3.75 14.43 22.21
N ALA A 196 3.42 15.20 21.18
CA ALA A 196 2.48 14.75 20.16
C ALA A 196 3.10 13.56 19.40
N PRO A 197 2.36 12.45 19.30
CA PRO A 197 2.84 11.25 18.60
C PRO A 197 3.18 11.62 17.15
N GLN A 198 4.39 11.27 16.72
CA GLN A 198 4.83 11.57 15.36
C GLN A 198 5.20 10.28 14.62
N TYR A 199 4.99 10.27 13.32
CA TYR A 199 5.27 9.08 12.52
C TYR A 199 6.06 9.36 11.24
N ARG A 200 6.48 8.30 10.56
CA ARG A 200 7.27 8.43 9.34
C ARG A 200 6.68 9.38 8.33
N ILE A 201 5.35 9.39 8.21
CA ILE A 201 4.69 10.29 7.26
C ILE A 201 4.93 11.74 7.67
N ASP A 202 4.93 11.99 8.98
CA ASP A 202 5.15 13.33 9.52
C ASP A 202 6.60 13.74 9.24
N PHE A 203 7.51 12.76 9.27
CA PHE A 203 8.91 13.05 9.00
C PHE A 203 9.12 13.37 7.53
N GLU A 204 8.36 12.73 6.66
CA GLU A 204 8.52 13.00 5.23
C GLU A 204 8.12 14.43 4.92
N VAL A 205 7.09 14.93 5.57
CA VAL A 205 6.65 16.30 5.36
C VAL A 205 7.78 17.21 5.83
N GLY A 206 8.17 17.00 7.08
CA GLY A 206 9.23 17.80 7.67
C GLY A 206 10.48 17.73 6.83
N ASN A 207 10.77 16.54 6.32
CA ASN A 207 11.95 16.36 5.50
C ASN A 207 11.83 17.04 4.14
N HIS A 208 10.64 17.04 3.56
CA HIS A 208 10.44 17.67 2.27
C HIS A 208 10.60 19.19 2.38
N PHE A 209 10.33 19.72 3.56
CA PHE A 209 10.45 21.15 3.81
C PHE A 209 11.91 21.52 4.04
N VAL A 210 12.53 20.90 5.04
CA VAL A 210 13.92 21.15 5.38
C VAL A 210 14.86 21.07 4.18
N SER A 211 14.61 20.08 3.34
CA SER A 211 15.46 19.83 2.19
C SER A 211 15.12 20.56 0.89
N THR A 212 13.84 20.85 0.65
CA THR A 212 13.49 21.49 -0.60
C THR A 212 12.87 22.85 -0.51
N SER A 213 12.86 23.46 0.67
CA SER A 213 12.26 24.79 0.78
C SER A 213 13.26 25.93 0.76
N PRO A 214 12.88 27.05 0.13
CA PRO A 214 13.74 28.23 0.04
C PRO A 214 13.82 28.84 1.43
N ARG A 215 12.66 28.85 2.10
CA ARG A 215 12.55 29.38 3.45
C ARG A 215 13.55 28.69 4.41
N SER A 216 14.12 27.57 3.95
CA SER A 216 15.06 26.77 4.74
C SER A 216 16.55 27.03 4.48
N PRO A 217 17.34 27.20 5.55
CA PRO A 217 18.79 27.47 5.46
C PRO A 217 19.58 26.22 5.03
N PHE A 218 19.06 25.06 5.39
CA PHE A 218 19.70 23.78 5.09
C PHE A 218 19.93 23.53 3.61
N THR A 219 19.16 24.19 2.76
CA THR A 219 19.23 24.02 1.33
C THR A 219 20.26 24.93 0.70
N THR A 220 20.68 25.92 1.45
CA THR A 220 21.63 26.90 0.95
C THR A 220 23.09 26.43 0.92
N ARG A 221 23.87 26.77 1.95
CA ARG A 221 25.29 26.37 1.99
C ARG A 221 25.57 25.10 2.80
N PRO A 222 26.78 24.57 2.66
CA PRO A 222 27.20 23.38 3.38
C PRO A 222 27.10 23.57 4.88
N PHE A 223 26.63 22.53 5.57
CA PHE A 223 26.52 22.56 7.02
C PHE A 223 26.85 21.15 7.51
N LEU A 224 28.06 20.97 8.02
CA LEU A 224 28.50 19.67 8.50
C LEU A 224 28.89 19.64 9.97
N GLN A 225 28.56 18.55 10.63
CA GLN A 225 28.93 18.39 12.01
C GLN A 225 29.48 16.98 12.13
N ARG A 226 30.40 16.80 13.06
CA ARG A 226 30.99 15.50 13.32
C ARG A 226 31.05 15.52 14.84
N PHE A 227 30.52 14.49 15.48
CA PHE A 227 30.51 14.49 16.93
C PHE A 227 31.34 13.41 17.60
N HIS A 228 32.20 13.82 18.51
CA HIS A 228 33.06 12.91 19.24
C HIS A 228 32.72 13.02 20.73
N SER A 229 33.15 12.06 21.53
CA SER A 229 32.83 12.08 22.95
C SER A 229 33.48 13.28 23.64
N ASP A 230 34.62 13.71 23.12
CA ASP A 230 35.34 14.82 23.73
C ASP A 230 35.39 16.11 22.91
N ARG A 231 34.86 16.10 21.70
CA ARG A 231 34.88 17.29 20.86
C ARG A 231 33.77 17.28 19.80
N HIS A 232 33.48 18.47 19.27
CA HIS A 232 32.43 18.63 18.27
C HIS A 232 32.95 19.52 17.15
N HIS A 233 32.96 18.99 15.94
CA HIS A 233 33.41 19.75 14.78
C HIS A 233 32.18 20.26 14.05
N VAL A 234 32.29 21.46 13.49
CA VAL A 234 31.19 22.04 12.73
C VAL A 234 31.69 22.87 11.55
N LEU A 235 31.10 22.63 10.38
CA LEU A 235 31.43 23.40 9.19
C LEU A 235 30.19 24.18 8.79
N ASP A 236 30.24 25.51 8.94
CA ASP A 236 29.12 26.38 8.61
C ASP A 236 29.55 27.34 7.51
N GLY A 237 29.52 26.83 6.28
CA GLY A 237 29.94 27.61 5.13
C GLY A 237 31.44 27.42 5.02
N LEU A 238 32.20 28.48 5.27
CA LEU A 238 33.65 28.38 5.23
C LEU A 238 34.21 28.60 6.62
N THR A 239 33.35 28.51 7.63
CA THR A 239 33.77 28.68 9.01
C THR A 239 33.86 27.30 9.65
N LEU A 240 35.05 26.95 10.12
CA LEU A 240 35.24 25.66 10.74
C LEU A 240 35.36 25.83 12.25
N ILE A 241 34.47 25.17 12.98
CA ILE A 241 34.48 25.26 14.42
C ILE A 241 34.70 23.92 15.08
N THR A 242 35.45 23.95 16.18
CA THR A 242 35.71 22.75 16.96
C THR A 242 35.39 23.21 18.38
N GLU A 243 34.48 22.51 19.04
CA GLU A 243 34.04 22.84 20.39
C GLU A 243 34.34 21.69 21.34
N ARG A 244 34.53 22.02 22.62
CA ARG A 244 34.81 21.01 23.64
C ARG A 244 33.80 21.11 24.78
N PRO A 245 33.64 20.03 25.57
CA PRO A 245 32.68 19.99 26.68
C PRO A 245 32.76 21.11 27.74
N ASP A 246 33.92 21.76 27.88
CA ASP A 246 34.08 22.84 28.85
C ASP A 246 33.64 24.17 28.22
N GLY A 247 33.03 24.09 27.06
CA GLY A 247 32.56 25.28 26.39
C GLY A 247 33.58 25.96 25.50
N SER A 248 34.86 25.82 25.81
CA SER A 248 35.90 26.46 25.00
C SER A 248 35.84 26.00 23.55
N ALA A 249 36.54 26.71 22.68
CA ALA A 249 36.53 26.38 21.26
C ALA A 249 37.46 27.26 20.43
N ASP A 250 37.69 26.85 19.20
CA ASP A 250 38.53 27.60 18.27
C ASP A 250 37.91 27.48 16.89
N ILE A 251 38.24 28.41 16.02
CA ILE A 251 37.70 28.38 14.67
C ILE A 251 38.76 28.63 13.63
N ARG A 252 38.34 28.50 12.38
CA ARG A 252 39.24 28.69 11.27
C ARG A 252 38.40 29.19 10.13
N ALA A 253 38.96 30.15 9.38
CA ALA A 253 38.28 30.70 8.22
C ALA A 253 38.90 29.99 7.03
N LEU A 254 38.11 29.10 6.41
CA LEU A 254 38.57 28.30 5.30
C LEU A 254 38.36 28.91 3.91
N THR A 255 39.11 28.37 2.96
CA THR A 255 39.04 28.77 1.57
C THR A 255 38.38 27.59 0.85
N PRO A 256 37.73 27.84 -0.29
CA PRO A 256 37.07 26.76 -1.03
C PRO A 256 38.00 25.58 -1.28
N GLY A 257 39.22 25.87 -1.72
CA GLY A 257 40.17 24.80 -1.99
C GLY A 257 40.48 23.92 -0.79
N GLU A 258 40.27 24.45 0.40
CA GLU A 258 40.53 23.72 1.64
C GLU A 258 39.40 22.76 2.03
N LEU A 259 38.22 22.98 1.47
CA LEU A 259 37.08 22.16 1.79
C LEU A 259 37.22 20.64 1.63
N PRO A 260 37.64 20.15 0.45
CA PRO A 260 37.80 18.71 0.24
C PRO A 260 38.51 17.96 1.35
N GLU A 261 39.69 18.45 1.74
CA GLU A 261 40.47 17.82 2.78
C GLU A 261 39.80 17.83 4.13
N VAL A 262 39.29 18.99 4.52
CA VAL A 262 38.62 19.13 5.82
C VAL A 262 37.42 18.20 5.89
N ILE A 263 36.69 18.10 4.79
CA ILE A 263 35.50 17.27 4.70
C ILE A 263 35.80 15.78 4.76
N ASN A 264 36.98 15.38 4.29
CA ASN A 264 37.37 13.98 4.32
C ASN A 264 37.96 13.58 5.68
N GLU A 265 38.90 14.37 6.17
CA GLU A 265 39.55 14.09 7.44
C GLU A 265 38.69 14.40 8.65
N LEU A 266 38.07 15.57 8.64
CA LEU A 266 37.24 16.01 9.75
C LEU A 266 35.79 15.60 9.77
N PHE A 267 35.26 15.17 8.63
CA PHE A 267 33.86 14.83 8.60
C PHE A 267 33.56 13.47 8.00
N ASP A 268 34.63 12.75 7.67
CA ASP A 268 34.52 11.42 7.12
C ASP A 268 33.46 11.30 6.05
N ILE A 269 33.47 12.30 5.19
CA ILE A 269 32.54 12.39 4.08
C ILE A 269 33.39 12.33 2.81
N GLU A 270 32.99 11.45 1.88
CA GLU A 270 33.69 11.26 0.60
C GLU A 270 32.71 11.53 -0.55
N LEU A 271 33.11 12.41 -1.45
CA LEU A 271 32.26 12.78 -2.58
C LEU A 271 32.98 12.61 -3.90
N PRO A 272 32.23 12.41 -4.98
CA PRO A 272 32.89 12.26 -6.28
C PRO A 272 33.47 13.65 -6.62
N GLY A 273 34.36 13.70 -7.60
CA GLY A 273 34.96 14.96 -7.98
C GLY A 273 33.91 15.95 -8.41
N PRO A 274 33.03 15.56 -9.35
CA PRO A 274 31.99 16.48 -9.81
C PRO A 274 31.28 17.22 -8.69
N ASP A 275 31.05 16.53 -7.57
CA ASP A 275 30.39 17.13 -6.40
C ASP A 275 31.34 18.11 -5.67
N LEU A 276 32.57 17.68 -5.39
CA LEU A 276 33.55 18.55 -4.72
C LEU A 276 33.67 19.76 -5.62
N ASP A 277 33.97 19.51 -6.90
CA ASP A 277 34.07 20.58 -7.88
C ASP A 277 32.83 21.49 -7.72
N ALA A 278 31.66 20.88 -7.79
CA ALA A 278 30.39 21.60 -7.65
C ALA A 278 30.34 22.36 -6.32
N LEU A 279 30.80 21.70 -5.27
CA LEU A 279 30.83 22.29 -3.94
C LEU A 279 31.79 23.48 -3.95
N THR A 280 33.02 23.18 -4.36
CA THR A 280 34.11 24.14 -4.45
C THR A 280 33.82 25.42 -5.21
N THR A 281 32.79 25.40 -6.05
CA THR A 281 32.48 26.58 -6.86
C THR A 281 31.01 26.96 -6.82
N GLY A 282 30.28 26.41 -5.85
CA GLY A 282 28.86 26.70 -5.76
C GLY A 282 28.52 28.17 -5.57
N SER A 283 27.42 28.60 -6.17
CA SER A 283 27.00 29.99 -6.06
C SER A 283 26.76 30.35 -4.61
N TRP A 284 26.72 29.34 -3.74
CA TRP A 284 26.50 29.58 -2.31
C TRP A 284 27.62 30.42 -1.71
N LEU A 285 28.85 30.18 -2.15
CA LEU A 285 30.01 30.91 -1.67
C LEU A 285 29.85 32.42 -1.84
N GLU A 286 29.17 32.84 -2.92
CA GLU A 286 28.99 34.26 -3.14
C GLU A 286 28.22 34.92 -1.99
N ARG A 287 27.46 34.12 -1.25
CA ARG A 287 26.68 34.61 -0.11
C ARG A 287 27.58 34.62 1.13
N ASP B 5 2.99 37.26 24.28
CA ASP B 5 3.25 36.48 23.04
C ASP B 5 3.47 37.43 21.85
N ASP B 6 4.26 36.98 20.87
CA ASP B 6 4.57 37.78 19.68
C ASP B 6 3.88 37.30 18.39
N PRO B 7 3.93 38.12 17.32
CA PRO B 7 3.30 37.80 16.02
C PRO B 7 3.41 36.34 15.56
N ALA B 8 4.49 35.68 15.92
CA ALA B 8 4.68 34.30 15.48
C ALA B 8 3.53 33.40 15.91
N TYR B 9 3.02 33.62 17.11
CA TYR B 9 1.93 32.80 17.65
C TYR B 9 0.52 33.29 17.32
N HIS B 10 0.41 34.30 16.47
CA HIS B 10 -0.90 34.82 16.14
C HIS B 10 -1.15 34.83 14.62
N TRP B 11 -2.23 35.47 14.15
CA TRP B 11 -2.55 35.38 12.72
C TRP B 11 -2.53 36.58 11.79
N ASN B 12 -1.93 37.68 12.23
CA ASN B 12 -1.82 38.89 11.41
C ASN B 12 -3.14 39.57 11.08
N GLY B 13 -4.00 39.72 12.08
CA GLY B 13 -5.28 40.35 11.86
C GLY B 13 -5.10 41.72 11.23
N ALA B 14 -4.15 42.48 11.76
CA ALA B 14 -3.86 43.82 11.29
C ALA B 14 -3.57 43.90 9.79
N GLU B 15 -2.99 42.84 9.24
CA GLU B 15 -2.65 42.82 7.82
C GLU B 15 -3.83 42.45 6.94
N LEU B 16 -5.04 42.43 7.48
CA LEU B 16 -6.22 42.07 6.70
C LEU B 16 -7.17 43.23 6.53
N ASP B 17 -7.68 43.38 5.32
CA ASP B 17 -8.66 44.41 4.97
C ASP B 17 -9.99 43.82 5.42
N LEU B 18 -10.35 44.03 6.68
CA LEU B 18 -11.58 43.46 7.22
C LEU B 18 -12.83 43.71 6.37
N ASP B 19 -13.01 44.94 5.89
CA ASP B 19 -14.20 45.25 5.10
C ASP B 19 -14.17 44.52 3.77
N ALA B 20 -13.12 44.78 3.00
CA ALA B 20 -12.98 44.15 1.72
C ALA B 20 -13.32 42.67 1.85
N TYR B 21 -12.81 42.05 2.91
CA TYR B 21 -13.04 40.64 3.14
C TYR B 21 -14.50 40.34 3.50
N LEU B 22 -15.00 41.01 4.53
CA LEU B 22 -16.37 40.81 4.98
C LEU B 22 -17.37 41.08 3.87
N ALA B 23 -16.98 41.92 2.92
CA ALA B 23 -17.86 42.24 1.81
C ALA B 23 -17.79 41.06 0.87
N ARG B 24 -16.58 40.54 0.69
CA ARG B 24 -16.37 39.41 -0.20
C ARG B 24 -17.28 38.25 0.20
N ILE B 25 -17.12 37.74 1.42
CA ILE B 25 -17.94 36.61 1.85
C ILE B 25 -19.40 36.98 2.07
N GLY B 26 -19.72 38.27 2.01
CA GLY B 26 -21.10 38.69 2.17
C GLY B 26 -21.55 38.76 3.60
N PHE B 27 -20.61 39.00 4.50
CA PHE B 27 -20.94 39.09 5.93
C PHE B 27 -21.49 40.47 6.28
N ALA B 28 -22.42 40.51 7.25
CA ALA B 28 -23.02 41.77 7.68
C ALA B 28 -23.57 41.71 9.11
N GLY B 29 -23.07 40.77 9.89
CA GLY B 29 -23.52 40.63 11.27
C GLY B 29 -22.81 41.61 12.18
N GLU B 30 -22.86 41.36 13.49
CA GLU B 30 -22.21 42.23 14.45
C GLU B 30 -20.71 41.97 14.49
N ARG B 31 -19.92 43.03 14.41
CA ARG B 31 -18.47 42.88 14.43
C ARG B 31 -17.97 42.73 15.85
N ALA B 32 -18.14 41.53 16.39
CA ALA B 32 -17.75 41.22 17.75
C ALA B 32 -17.66 39.69 17.94
N PRO B 33 -16.85 39.25 18.90
CA PRO B 33 -16.68 37.81 19.17
C PRO B 33 -17.90 37.13 19.77
N THR B 34 -18.94 36.92 18.97
CA THR B 34 -20.12 36.22 19.46
C THR B 34 -20.27 34.92 18.67
N LEU B 35 -21.01 33.98 19.23
CA LEU B 35 -21.25 32.71 18.56
C LEU B 35 -21.93 32.97 17.23
N ALA B 36 -22.96 33.81 17.26
CA ALA B 36 -23.73 34.18 16.07
C ALA B 36 -22.84 34.73 14.95
N THR B 37 -21.89 35.57 15.33
CA THR B 37 -20.97 36.13 14.33
C THR B 37 -20.08 35.02 13.80
N LEU B 38 -19.69 34.10 14.67
CA LEU B 38 -18.84 32.99 14.23
C LEU B 38 -19.62 32.14 13.25
N ARG B 39 -20.91 31.97 13.53
CA ARG B 39 -21.75 31.15 12.67
C ARG B 39 -21.96 31.78 11.31
N GLU B 40 -22.10 33.10 11.24
CA GLU B 40 -22.30 33.71 9.94
C GLU B 40 -21.00 33.82 9.18
N LEU B 41 -19.88 33.98 9.89
CA LEU B 41 -18.59 34.06 9.24
C LEU B 41 -18.26 32.72 8.56
N VAL B 42 -18.43 31.62 9.29
CA VAL B 42 -18.16 30.30 8.76
C VAL B 42 -19.09 29.96 7.61
N TYR B 43 -20.34 30.40 7.74
CA TYR B 43 -21.37 30.13 6.73
C TYR B 43 -21.11 30.88 5.43
N ARG B 44 -20.81 32.16 5.55
CA ARG B 44 -20.56 33.02 4.40
C ARG B 44 -19.28 32.67 3.65
N HIS B 45 -18.26 32.29 4.39
CA HIS B 45 -16.99 31.95 3.78
C HIS B 45 -17.06 30.63 3.00
N THR B 46 -17.50 29.57 3.67
CA THR B 46 -17.60 28.25 3.05
C THR B 46 -18.46 28.23 1.81
N THR B 47 -19.50 29.05 1.82
CA THR B 47 -20.44 29.10 0.70
C THR B 47 -20.17 30.25 -0.25
N ALA B 48 -19.00 30.86 -0.11
CA ALA B 48 -18.63 31.98 -0.96
C ALA B 48 -17.36 31.69 -1.78
N ILE B 49 -16.29 31.31 -1.09
CA ILE B 49 -15.02 31.06 -1.75
C ILE B 49 -14.87 29.71 -2.45
N PRO B 50 -14.46 29.71 -3.72
CA PRO B 50 -14.28 28.43 -4.40
C PRO B 50 -13.07 27.71 -3.81
N PHE B 51 -12.97 26.42 -4.11
CA PHE B 51 -11.87 25.59 -3.66
C PHE B 51 -11.13 25.11 -4.91
N GLU B 52 -9.84 25.37 -4.97
CA GLU B 52 -9.01 24.97 -6.10
C GLU B 52 -7.55 24.72 -5.70
N ASN B 53 -6.83 24.09 -6.62
CA ASN B 53 -5.42 23.77 -6.44
C ASN B 53 -4.76 24.03 -7.79
N LEU B 54 -5.37 24.90 -8.59
CA LEU B 54 -4.84 25.20 -9.91
C LEU B 54 -3.41 25.73 -9.95
N GLU B 55 -3.04 26.57 -8.99
CA GLU B 55 -1.67 27.10 -8.95
C GLU B 55 -0.72 25.93 -8.87
N ALA B 56 -0.95 25.05 -7.91
CA ALA B 56 -0.09 23.88 -7.75
C ALA B 56 -0.03 23.14 -9.09
N VAL B 57 -1.19 22.95 -9.69
CA VAL B 57 -1.29 22.24 -10.96
C VAL B 57 -0.41 22.91 -12.00
N LEU B 58 -0.65 24.19 -12.22
CA LEU B 58 0.13 24.94 -13.20
C LEU B 58 1.56 25.10 -12.69
N GLY B 59 1.95 24.21 -11.78
CA GLY B 59 3.29 24.25 -11.22
C GLY B 59 3.74 25.62 -10.73
N ARG B 60 2.83 26.40 -10.17
CA ARG B 60 3.21 27.71 -9.64
C ARG B 60 3.17 27.71 -8.10
N PRO B 61 3.93 28.61 -7.47
CA PRO B 61 3.97 28.66 -6.01
C PRO B 61 2.62 29.00 -5.42
N VAL B 62 2.47 28.74 -4.12
CA VAL B 62 1.25 29.03 -3.38
C VAL B 62 1.61 29.69 -2.06
N ARG B 63 1.75 31.02 -2.07
CA ARG B 63 2.12 31.76 -0.87
C ARG B 63 0.99 31.92 0.15
N LEU B 64 1.37 32.07 1.42
CA LEU B 64 0.37 32.20 2.48
C LEU B 64 0.35 33.53 3.22
N ASP B 65 0.94 34.55 2.61
CA ASP B 65 0.97 35.89 3.20
C ASP B 65 -0.35 36.57 2.91
N LEU B 66 -0.93 37.19 3.93
CA LEU B 66 -2.21 37.87 3.80
C LEU B 66 -2.36 38.76 2.56
N ALA B 67 -1.24 39.29 2.04
CA ALA B 67 -1.31 40.12 0.84
C ALA B 67 -1.73 39.22 -0.33
N THR B 68 -0.97 38.15 -0.53
CA THR B 68 -1.24 37.19 -1.59
C THR B 68 -2.66 36.61 -1.52
N LEU B 69 -3.01 36.08 -0.36
CA LEU B 69 -4.31 35.48 -0.14
C LEU B 69 -5.48 36.39 -0.48
N GLN B 70 -5.39 37.64 -0.05
CA GLN B 70 -6.45 38.60 -0.32
C GLN B 70 -6.57 38.93 -1.79
N ASP B 71 -5.43 39.12 -2.46
CA ASP B 71 -5.49 39.45 -3.88
C ASP B 71 -6.18 38.33 -4.61
N LYS B 72 -5.84 37.11 -4.23
CA LYS B 72 -6.40 35.93 -4.85
C LYS B 72 -7.84 35.59 -4.43
N LEU B 73 -8.08 35.57 -3.13
CA LEU B 73 -9.40 35.19 -2.65
C LEU B 73 -10.45 36.28 -2.46
N VAL B 74 -10.03 37.52 -2.31
CA VAL B 74 -10.99 38.58 -2.13
C VAL B 74 -11.11 39.49 -3.35
N HIS B 75 -10.02 39.67 -4.08
CA HIS B 75 -10.03 40.55 -5.25
C HIS B 75 -9.83 39.87 -6.59
N SER B 76 -10.32 38.64 -6.73
CA SER B 76 -10.19 37.92 -7.99
C SER B 76 -11.24 36.84 -8.00
N ARG B 77 -11.45 36.24 -9.17
CA ARG B 77 -12.42 35.17 -9.30
C ARG B 77 -11.62 33.89 -9.15
N ARG B 78 -11.04 33.71 -7.96
CA ARG B 78 -10.22 32.55 -7.66
C ARG B 78 -10.47 32.01 -6.27
N GLY B 79 -9.94 30.81 -6.01
CA GLY B 79 -10.08 30.16 -4.71
C GLY B 79 -8.75 29.64 -4.20
N GLY B 80 -8.79 28.63 -3.33
CA GLY B 80 -7.56 28.06 -2.80
C GLY B 80 -7.89 26.80 -2.02
N TYR B 81 -6.89 26.18 -1.37
CA TYR B 81 -7.18 25.01 -0.59
C TYR B 81 -7.17 25.27 0.91
N CYS B 82 -7.11 24.21 1.71
CA CYS B 82 -7.14 24.38 3.16
C CYS B 82 -6.34 25.55 3.73
N TYR B 83 -5.01 25.49 3.65
CA TYR B 83 -4.20 26.56 4.22
C TYR B 83 -4.61 27.98 3.81
N GLU B 84 -4.74 28.23 2.52
CA GLU B 84 -5.11 29.55 2.04
C GLU B 84 -6.42 30.03 2.68
N ASN B 85 -7.38 29.14 2.76
CA ASN B 85 -8.68 29.48 3.34
C ASN B 85 -8.60 29.70 4.85
N ALA B 86 -7.88 28.81 5.53
CA ALA B 86 -7.76 28.89 6.98
C ALA B 86 -6.95 30.10 7.41
N GLY B 87 -5.91 30.42 6.63
CA GLY B 87 -5.04 31.54 6.96
C GLY B 87 -5.72 32.89 6.84
N LEU B 88 -6.71 32.97 5.95
CA LEU B 88 -7.43 34.21 5.75
C LEU B 88 -8.46 34.31 6.86
N PHE B 89 -9.23 33.23 7.03
CA PHE B 89 -10.29 33.15 8.03
C PHE B 89 -9.74 33.38 9.44
N ALA B 90 -8.49 32.98 9.66
CA ALA B 90 -7.86 33.17 10.96
C ALA B 90 -7.60 34.66 11.18
N ALA B 91 -7.07 35.34 10.16
CA ALA B 91 -6.80 36.76 10.27
C ALA B 91 -8.11 37.46 10.62
N ALA B 92 -9.19 37.04 9.97
CA ALA B 92 -10.51 37.61 10.21
C ALA B 92 -10.96 37.35 11.63
N LEU B 93 -11.07 36.07 12.00
CA LEU B 93 -11.48 35.68 13.34
C LEU B 93 -10.75 36.47 14.42
N GLU B 94 -9.43 36.55 14.25
CA GLU B 94 -8.58 37.27 15.19
C GLU B 94 -9.01 38.72 15.26
N ARG B 95 -9.07 39.39 14.12
CA ARG B 95 -9.46 40.79 14.05
C ARG B 95 -10.81 41.09 14.67
N LEU B 96 -11.65 40.08 14.88
CA LEU B 96 -12.98 40.32 15.43
C LEU B 96 -13.06 40.02 16.93
N GLY B 97 -11.91 39.73 17.53
CA GLY B 97 -11.89 39.45 18.96
C GLY B 97 -12.09 38.01 19.38
N PHE B 98 -12.09 37.10 18.43
CA PHE B 98 -12.24 35.70 18.75
C PHE B 98 -10.87 35.19 19.20
N GLY B 99 -10.87 34.10 19.96
CA GLY B 99 -9.64 33.47 20.40
C GLY B 99 -9.38 32.42 19.34
N VAL B 100 -8.19 32.42 18.75
CA VAL B 100 -7.87 31.46 17.68
C VAL B 100 -6.64 30.59 17.94
N THR B 101 -6.86 29.28 17.95
CA THR B 101 -5.76 28.34 18.13
C THR B 101 -5.77 27.52 16.86
N GLY B 102 -4.65 26.92 16.50
CA GLY B 102 -4.63 26.16 15.28
C GLY B 102 -4.47 24.68 15.48
N HIS B 103 -5.03 23.89 14.58
CA HIS B 103 -4.91 22.44 14.63
C HIS B 103 -4.70 21.95 13.22
N THR B 104 -4.18 20.74 13.11
CA THR B 104 -3.95 20.16 11.81
C THR B 104 -4.45 18.72 11.85
N GLY B 105 -5.22 18.34 10.83
CA GLY B 105 -5.74 16.99 10.81
C GLY B 105 -5.24 16.21 9.62
N ARG B 106 -5.47 14.89 9.67
CA ARG B 106 -5.08 13.97 8.62
C ARG B 106 -6.36 13.54 7.91
N VAL B 107 -6.55 13.99 6.68
CA VAL B 107 -7.74 13.59 5.95
C VAL B 107 -7.65 12.08 5.78
N THR B 108 -8.79 11.40 5.80
CA THR B 108 -8.80 9.96 5.68
C THR B 108 -9.77 9.52 4.59
N MET B 109 -10.98 10.08 4.64
CA MET B 109 -12.03 9.77 3.68
C MET B 109 -12.26 8.27 3.48
N GLY B 110 -12.43 7.54 4.57
CA GLY B 110 -12.67 6.11 4.45
C GLY B 110 -11.40 5.30 4.29
N ALA B 111 -10.56 5.71 3.36
CA ALA B 111 -9.30 5.02 3.14
C ALA B 111 -8.67 4.73 4.50
N GLY B 112 -7.71 3.80 4.52
CA GLY B 112 -7.05 3.47 5.77
C GLY B 112 -5.68 4.10 5.86
N GLY B 113 -4.77 3.39 6.50
CA GLY B 113 -3.41 3.86 6.66
C GLY B 113 -3.28 5.23 7.29
N LEU B 114 -2.04 5.62 7.55
CA LEU B 114 -1.77 6.90 8.15
C LEU B 114 -1.47 7.87 7.02
N ARG B 115 -2.18 9.01 6.99
CA ARG B 115 -2.00 10.04 5.95
C ARG B 115 -1.33 11.28 6.52
N PRO B 116 -0.80 12.16 5.65
CA PRO B 116 -0.13 13.37 6.15
C PRO B 116 -1.10 14.20 6.97
N ALA B 117 -0.57 14.90 7.97
CA ALA B 117 -1.40 15.77 8.80
C ALA B 117 -1.18 17.14 8.18
N THR B 118 -1.84 17.38 7.05
CA THR B 118 -1.69 18.63 6.34
C THR B 118 -2.97 19.40 6.10
N HIS B 119 -4.01 19.12 6.89
CA HIS B 119 -5.27 19.85 6.75
C HIS B 119 -5.39 20.85 7.89
N ALA B 120 -5.59 22.12 7.54
CA ALA B 120 -5.70 23.20 8.51
C ALA B 120 -7.04 23.27 9.22
N LEU B 121 -7.01 23.32 10.55
CA LEU B 121 -8.22 23.43 11.35
C LEU B 121 -8.11 24.58 12.31
N LEU B 122 -9.23 25.22 12.61
CA LEU B 122 -9.24 26.36 13.50
C LEU B 122 -10.09 26.11 14.76
N ARG B 123 -9.47 26.19 15.92
CA ARG B 123 -10.16 25.98 17.21
C ARG B 123 -10.46 27.38 17.72
N VAL B 124 -11.74 27.69 17.89
CA VAL B 124 -12.13 29.04 18.28
C VAL B 124 -12.98 29.21 19.54
N THR B 125 -12.77 30.33 20.22
CA THR B 125 -13.53 30.65 21.44
C THR B 125 -14.23 32.00 21.25
N THR B 126 -15.39 32.16 21.88
CA THR B 126 -16.14 33.42 21.79
C THR B 126 -16.37 33.98 23.19
N ALA B 127 -16.91 35.20 23.27
CA ALA B 127 -17.16 35.85 24.56
C ALA B 127 -18.54 35.55 25.14
N ASP B 128 -19.29 34.68 24.47
CA ASP B 128 -20.62 34.32 24.92
C ASP B 128 -20.56 33.30 26.05
N ASP B 129 -19.52 32.46 26.06
CA ASP B 129 -19.37 31.41 27.07
C ASP B 129 -18.04 30.68 26.95
N ASP B 130 -17.96 29.49 27.55
CA ASP B 130 -16.72 28.70 27.50
C ASP B 130 -16.68 27.67 26.39
N ARG B 131 -17.71 27.61 25.56
CA ARG B 131 -17.69 26.61 24.49
C ARG B 131 -16.49 26.74 23.53
N VAL B 132 -15.99 25.59 23.10
CA VAL B 132 -14.85 25.52 22.19
C VAL B 132 -15.36 25.09 20.82
N TRP B 133 -15.15 25.95 19.81
CA TRP B 133 -15.64 25.66 18.47
C TRP B 133 -14.59 25.33 17.41
N MET B 134 -14.91 24.35 16.58
CA MET B 134 -14.04 23.95 15.48
C MET B 134 -14.59 24.54 14.21
N CYS B 135 -13.73 25.25 13.49
CA CYS B 135 -14.11 25.86 12.22
C CYS B 135 -13.32 25.23 11.11
N ASP B 136 -13.99 24.49 10.25
CA ASP B 136 -13.33 23.83 9.13
C ASP B 136 -13.78 24.57 7.88
N VAL B 137 -13.04 25.61 7.53
CA VAL B 137 -13.39 26.44 6.37
C VAL B 137 -12.65 26.13 5.08
N GLY B 138 -11.73 25.17 5.12
CA GLY B 138 -10.98 24.86 3.91
C GLY B 138 -11.02 23.45 3.38
N PHE B 139 -11.95 22.64 3.86
CA PHE B 139 -12.05 21.27 3.38
C PHE B 139 -12.76 21.23 2.04
N GLY B 140 -13.45 22.32 1.71
CA GLY B 140 -14.15 22.41 0.44
C GLY B 140 -15.60 21.95 0.40
N ARG B 141 -16.08 21.37 1.50
CA ARG B 141 -17.45 20.87 1.59
C ARG B 141 -17.97 21.25 2.98
N GLY B 142 -17.73 22.50 3.37
CA GLY B 142 -18.15 22.93 4.67
C GLY B 142 -17.33 22.21 5.73
N PRO B 143 -17.91 22.00 6.92
CA PRO B 143 -19.28 22.39 7.29
C PRO B 143 -19.48 23.89 7.17
N LEU B 144 -20.70 24.30 6.84
CA LEU B 144 -20.99 25.73 6.73
C LEU B 144 -21.31 26.38 8.07
N ARG B 145 -21.07 25.64 9.14
CA ARG B 145 -21.28 26.15 10.50
C ARG B 145 -20.19 25.52 11.33
N PRO B 146 -19.79 26.15 12.45
CA PRO B 146 -18.74 25.51 13.23
C PRO B 146 -19.38 24.39 14.05
N TYR B 147 -18.58 23.46 14.54
CA TYR B 147 -19.12 22.41 15.39
C TYR B 147 -18.36 22.41 16.70
N GLU B 148 -19.08 22.28 17.80
CA GLU B 148 -18.47 22.26 19.11
C GLU B 148 -17.48 21.14 19.31
N LEU B 149 -16.37 21.44 19.98
CA LEU B 149 -15.35 20.45 20.23
C LEU B 149 -15.78 19.63 21.45
N ARG B 150 -16.80 18.80 21.24
CA ARG B 150 -17.30 17.93 22.28
C ARG B 150 -17.90 16.70 21.60
N PRO B 151 -17.74 15.52 22.22
CA PRO B 151 -18.25 14.27 21.68
C PRO B 151 -19.70 14.32 21.22
N GLN B 152 -19.91 13.95 19.96
CA GLN B 152 -21.25 13.91 19.38
C GLN B 152 -21.30 12.66 18.51
N PRO B 153 -21.39 11.50 19.16
CA PRO B 153 -21.46 10.19 18.48
C PRO B 153 -22.72 10.03 17.63
N ASP B 154 -23.85 10.49 18.16
CA ASP B 154 -25.12 10.40 17.43
C ASP B 154 -25.15 11.51 16.41
N GLU B 155 -25.59 11.20 15.20
CA GLU B 155 -25.61 12.18 14.15
C GLU B 155 -26.27 13.49 14.52
N PHE B 156 -25.81 14.55 13.87
CA PHE B 156 -26.32 15.90 14.08
C PHE B 156 -26.12 16.66 12.77
N THR B 157 -26.81 17.78 12.61
CA THR B 157 -26.69 18.54 11.38
C THR B 157 -26.13 19.94 11.52
N LEU B 158 -25.36 20.33 10.52
CA LEU B 158 -24.80 21.67 10.40
C LEU B 158 -25.44 22.00 9.07
N GLY B 159 -26.51 22.77 9.13
CA GLY B 159 -27.27 23.07 7.94
C GLY B 159 -28.07 21.80 7.81
N ASP B 160 -28.00 21.14 6.66
CA ASP B 160 -28.72 19.90 6.47
C ASP B 160 -27.76 18.73 6.33
N TRP B 161 -26.46 19.03 6.32
CA TRP B 161 -25.43 18.00 6.16
C TRP B 161 -25.22 17.23 7.46
N ARG B 162 -25.24 15.90 7.38
CA ARG B 162 -25.05 15.10 8.58
C ARG B 162 -23.59 14.88 8.99
N PHE B 163 -23.35 14.89 10.29
CA PHE B 163 -22.01 14.71 10.86
C PHE B 163 -22.05 13.90 12.14
N ARG B 164 -20.87 13.59 12.66
CA ARG B 164 -20.69 12.84 13.90
C ARG B 164 -19.28 13.14 14.37
N LEU B 165 -19.10 13.40 15.67
CA LEU B 165 -17.76 13.67 16.16
C LEU B 165 -17.38 12.67 17.23
N GLU B 166 -16.54 11.72 16.86
CA GLU B 166 -16.09 10.69 17.79
C GLU B 166 -14.78 11.16 18.40
N ARG B 167 -14.60 10.91 19.70
CA ARG B 167 -13.37 11.28 20.40
C ARG B 167 -12.66 10.02 20.88
N ARG B 168 -11.64 9.60 20.13
CA ARG B 168 -10.90 8.41 20.51
C ARG B 168 -9.59 8.83 21.15
N THR B 169 -8.69 7.87 21.30
CA THR B 169 -7.39 8.15 21.87
C THR B 169 -6.36 7.48 20.97
N GLY B 170 -5.15 8.04 20.96
CA GLY B 170 -4.09 7.49 20.14
C GLY B 170 -2.86 7.25 20.98
N GLU B 171 -1.77 6.85 20.32
CA GLU B 171 -0.52 6.56 21.01
C GLU B 171 -0.27 7.56 22.16
N LEU B 172 0.17 7.05 23.31
CA LEU B 172 0.44 7.88 24.48
C LEU B 172 -0.87 8.37 25.09
N GLY B 173 -1.97 7.71 24.72
CA GLY B 173 -3.28 8.09 25.22
C GLY B 173 -3.60 9.55 24.97
N THR B 174 -3.36 10.00 23.74
CA THR B 174 -3.62 11.38 23.34
C THR B 174 -4.97 11.53 22.63
N ASP B 175 -5.58 12.69 22.77
CA ASP B 175 -6.87 12.93 22.13
C ASP B 175 -6.75 12.67 20.64
N LEU B 176 -7.78 12.09 20.06
CA LEU B 176 -7.80 11.82 18.63
C LEU B 176 -9.22 11.95 18.12
N TRP B 177 -9.57 13.12 17.60
CA TRP B 177 -10.91 13.37 17.08
C TRP B 177 -11.06 12.87 15.66
N VAL B 178 -12.27 12.43 15.34
CA VAL B 178 -12.58 11.94 14.02
C VAL B 178 -13.93 12.51 13.65
N LEU B 179 -13.97 13.23 12.54
CA LEU B 179 -15.21 13.81 12.08
C LEU B 179 -15.76 12.86 11.05
N HIS B 180 -17.03 12.54 11.16
CA HIS B 180 -17.67 11.64 10.22
C HIS B 180 -18.75 12.43 9.48
N GLN B 181 -18.72 12.39 8.15
CA GLN B 181 -19.72 13.09 7.36
C GLN B 181 -20.56 12.03 6.67
N PHE B 182 -21.82 12.35 6.40
CA PHE B 182 -22.70 11.42 5.71
C PHE B 182 -22.85 11.94 4.30
N GLY B 183 -22.33 11.18 3.34
CA GLY B 183 -22.41 11.59 1.95
C GLY B 183 -23.02 10.54 1.04
N ARG B 184 -22.53 10.47 -0.20
CA ARG B 184 -23.05 9.52 -1.17
C ARG B 184 -22.69 8.04 -0.92
N ASP B 185 -21.64 7.81 -0.13
CA ASP B 185 -21.23 6.46 0.20
C ASP B 185 -21.63 6.21 1.63
N GLY B 186 -22.63 6.97 2.07
CA GLY B 186 -23.10 6.85 3.44
C GLY B 186 -22.08 7.49 4.37
N TRP B 187 -22.10 7.08 5.63
CA TRP B 187 -21.19 7.60 6.63
C TRP B 187 -19.72 7.25 6.38
N VAL B 188 -18.86 8.26 6.33
CA VAL B 188 -17.43 8.03 6.13
C VAL B 188 -16.66 8.97 7.02
N ASP B 189 -15.49 8.54 7.45
CA ASP B 189 -14.66 9.38 8.29
C ASP B 189 -13.96 10.43 7.42
N ARG B 190 -14.27 11.70 7.63
CA ARG B 190 -13.66 12.76 6.85
C ARG B 190 -12.18 12.88 7.20
N TYR B 191 -11.90 13.07 8.48
CA TYR B 191 -10.53 13.20 8.93
C TYR B 191 -10.38 13.00 10.43
N THR B 192 -9.14 13.05 10.89
CA THR B 192 -8.83 12.91 12.30
C THR B 192 -7.91 14.07 12.59
N PHE B 193 -7.85 14.49 13.84
CA PHE B 193 -6.97 15.59 14.19
C PHE B 193 -6.69 15.55 15.66
N THR B 194 -5.54 16.08 16.04
CA THR B 194 -5.15 16.12 17.44
C THR B 194 -5.34 17.55 17.92
N THR B 195 -5.24 17.76 19.23
CA THR B 195 -5.42 19.10 19.77
C THR B 195 -4.11 19.83 19.98
N ALA B 196 -3.06 19.38 19.32
CA ALA B 196 -1.77 20.03 19.46
C ALA B 196 -1.90 21.40 18.82
N PRO B 197 -1.38 22.46 19.47
CA PRO B 197 -1.48 23.80 18.88
C PRO B 197 -0.64 23.89 17.62
N GLN B 198 -1.17 24.56 16.61
CA GLN B 198 -0.48 24.74 15.35
C GLN B 198 -0.48 26.22 15.05
N TYR B 199 0.52 26.68 14.30
CA TYR B 199 0.60 28.09 13.98
C TYR B 199 0.97 28.30 12.52
N ARG B 200 1.14 29.55 12.14
CA ARG B 200 1.49 29.89 10.77
C ARG B 200 2.68 29.12 10.19
N ILE B 201 3.82 29.09 10.87
CA ILE B 201 4.95 28.35 10.31
C ILE B 201 4.59 26.92 10.09
N ASP B 202 3.77 26.36 10.98
CA ASP B 202 3.37 24.98 10.82
C ASP B 202 2.55 24.83 9.54
N PHE B 203 1.60 25.72 9.34
CA PHE B 203 0.78 25.67 8.12
C PHE B 203 1.69 25.88 6.92
N GLU B 204 2.63 26.81 7.05
CA GLU B 204 3.58 27.12 5.99
C GLU B 204 4.27 25.83 5.54
N VAL B 205 4.78 25.08 6.52
CA VAL B 205 5.47 23.82 6.26
C VAL B 205 4.58 22.80 5.58
N GLY B 206 3.35 22.67 6.05
CA GLY B 206 2.44 21.72 5.44
C GLY B 206 2.07 22.15 4.03
N ASN B 207 1.83 23.44 3.88
CA ASN B 207 1.46 23.99 2.58
C ASN B 207 2.50 23.60 1.52
N HIS B 208 3.77 23.81 1.85
CA HIS B 208 4.86 23.48 0.94
C HIS B 208 4.74 22.04 0.47
N PHE B 209 4.46 21.14 1.42
CA PHE B 209 4.31 19.73 1.10
C PHE B 209 3.22 19.54 0.04
N VAL B 210 2.03 20.02 0.36
CA VAL B 210 0.85 19.96 -0.48
C VAL B 210 1.01 20.48 -1.90
N SER B 211 1.64 21.63 -2.04
CA SER B 211 1.83 22.25 -3.35
C SER B 211 3.11 21.89 -4.09
N THR B 212 4.06 21.24 -3.42
CA THR B 212 5.30 20.91 -4.12
C THR B 212 5.80 19.47 -3.99
N SER B 213 5.22 18.71 -3.08
CA SER B 213 5.68 17.35 -2.90
C SER B 213 5.26 16.39 -4.01
N PRO B 214 6.20 15.57 -4.49
CA PRO B 214 6.01 14.56 -5.54
C PRO B 214 4.92 13.60 -5.10
N ARG B 215 4.82 13.47 -3.78
CA ARG B 215 3.86 12.60 -3.12
C ARG B 215 2.42 13.11 -3.14
N SER B 216 2.27 14.41 -2.88
CA SER B 216 0.95 15.03 -2.86
C SER B 216 0.14 14.75 -4.14
N PRO B 217 -1.18 14.57 -4.00
CA PRO B 217 -2.04 14.30 -5.16
C PRO B 217 -2.54 15.64 -5.73
N PHE B 218 -2.41 16.68 -4.93
CA PHE B 218 -2.89 17.99 -5.35
C PHE B 218 -1.98 18.78 -6.26
N THR B 219 -0.90 18.15 -6.71
CA THR B 219 0.02 18.80 -7.62
C THR B 219 -0.20 18.19 -9.00
N THR B 220 -0.86 17.03 -9.02
CA THR B 220 -1.18 16.32 -10.26
C THR B 220 -2.42 16.94 -10.91
N ARG B 221 -3.50 16.16 -11.04
CA ARG B 221 -4.74 16.63 -11.66
C ARG B 221 -5.48 17.74 -10.92
N PRO B 222 -6.27 18.54 -11.64
CA PRO B 222 -7.01 19.62 -10.97
C PRO B 222 -8.08 19.09 -10.05
N PHE B 223 -8.33 19.80 -8.97
CA PHE B 223 -9.36 19.44 -8.00
C PHE B 223 -10.02 20.73 -7.55
N LEU B 224 -11.30 20.89 -7.87
CA LEU B 224 -12.04 22.11 -7.52
C LEU B 224 -13.35 21.78 -6.80
N GLN B 225 -13.76 22.65 -5.89
CA GLN B 225 -14.99 22.45 -5.16
C GLN B 225 -15.73 23.79 -5.06
N ARG B 226 -17.05 23.75 -4.97
CA ARG B 226 -17.87 24.96 -4.82
C ARG B 226 -18.99 24.54 -3.88
N PHE B 227 -19.01 25.14 -2.70
CA PHE B 227 -19.98 24.79 -1.67
C PHE B 227 -21.16 25.73 -1.49
N HIS B 228 -22.36 25.17 -1.53
CA HIS B 228 -23.60 25.91 -1.34
C HIS B 228 -24.35 25.19 -0.24
N SER B 229 -25.18 25.92 0.50
CA SER B 229 -25.93 25.32 1.61
C SER B 229 -26.79 24.17 1.13
N ASP B 230 -27.11 24.15 -0.16
CA ASP B 230 -27.96 23.10 -0.72
C ASP B 230 -27.23 22.06 -1.60
N ARG B 231 -26.14 22.44 -2.23
CA ARG B 231 -25.41 21.52 -3.10
C ARG B 231 -23.88 21.64 -2.99
N HIS B 232 -23.18 20.58 -3.41
CA HIS B 232 -21.72 20.56 -3.38
C HIS B 232 -21.17 20.13 -4.74
N HIS B 233 -20.56 21.06 -5.46
CA HIS B 233 -19.99 20.72 -6.77
C HIS B 233 -18.52 20.38 -6.64
N VAL B 234 -18.10 19.33 -7.35
CA VAL B 234 -16.72 18.90 -7.33
C VAL B 234 -16.22 18.52 -8.69
N LEU B 235 -15.04 19.04 -9.00
CA LEU B 235 -14.41 18.73 -10.27
C LEU B 235 -13.15 17.96 -9.90
N ASP B 236 -13.11 16.69 -10.29
CA ASP B 236 -11.95 15.85 -10.05
C ASP B 236 -11.49 15.46 -11.45
N GLY B 237 -10.46 16.14 -11.94
CA GLY B 237 -9.98 15.87 -13.29
C GLY B 237 -11.07 16.27 -14.27
N LEU B 238 -11.72 15.28 -14.88
CA LEU B 238 -12.78 15.58 -15.82
C LEU B 238 -14.11 15.15 -15.21
N THR B 239 -14.04 14.52 -14.05
CA THR B 239 -15.24 14.07 -13.37
C THR B 239 -15.94 15.24 -12.68
N LEU B 240 -17.14 15.57 -13.14
CA LEU B 240 -17.92 16.64 -12.54
C LEU B 240 -18.88 15.99 -11.56
N ILE B 241 -18.91 16.46 -10.32
CA ILE B 241 -19.79 15.87 -9.32
C ILE B 241 -20.65 16.89 -8.59
N THR B 242 -21.84 16.45 -8.19
CA THR B 242 -22.78 17.30 -7.46
C THR B 242 -23.47 16.40 -6.44
N GLU B 243 -23.26 16.73 -5.17
CA GLU B 243 -23.84 15.94 -4.10
C GLU B 243 -24.83 16.76 -3.29
N ARG B 244 -25.77 16.09 -2.65
CA ARG B 244 -26.77 16.76 -1.82
C ARG B 244 -26.86 16.16 -0.43
N PRO B 245 -27.19 17.00 0.57
CA PRO B 245 -27.33 16.66 1.99
C PRO B 245 -28.09 15.38 2.27
N ASP B 246 -29.01 15.03 1.37
CA ASP B 246 -29.78 13.80 1.56
C ASP B 246 -28.95 12.60 1.16
N GLY B 247 -27.81 12.87 0.54
CA GLY B 247 -26.92 11.79 0.12
C GLY B 247 -27.04 11.34 -1.32
N SER B 248 -27.81 12.07 -2.13
CA SER B 248 -27.97 11.72 -3.54
C SER B 248 -26.89 12.47 -4.31
N ALA B 249 -26.38 11.87 -5.38
CA ALA B 249 -25.34 12.53 -6.15
C ALA B 249 -25.50 12.32 -7.64
N ASP B 250 -24.93 13.24 -8.42
CA ASP B 250 -24.97 13.17 -9.87
C ASP B 250 -23.54 13.27 -10.37
N ILE B 251 -23.09 12.28 -11.12
CA ILE B 251 -21.74 12.30 -11.65
C ILE B 251 -21.84 12.34 -13.17
N ARG B 252 -21.01 13.16 -13.79
CA ARG B 252 -21.01 13.29 -15.24
C ARG B 252 -19.58 13.43 -15.76
N ALA B 253 -19.23 12.61 -16.75
CA ALA B 253 -17.90 12.64 -17.34
C ALA B 253 -17.75 13.75 -18.37
N LEU B 254 -16.95 14.75 -18.04
CA LEU B 254 -16.73 15.88 -18.95
C LEU B 254 -15.66 15.60 -20.02
N THR B 255 -15.55 16.51 -20.97
CA THR B 255 -14.55 16.42 -22.02
C THR B 255 -13.77 17.71 -21.88
N PRO B 256 -12.43 17.66 -21.94
CA PRO B 256 -11.59 18.85 -21.80
C PRO B 256 -12.23 20.14 -22.31
N GLY B 257 -12.82 20.04 -23.49
CA GLY B 257 -13.45 21.18 -24.12
C GLY B 257 -14.52 21.86 -23.31
N GLU B 258 -15.16 21.12 -22.41
CA GLU B 258 -16.22 21.68 -21.57
C GLU B 258 -15.65 22.44 -20.35
N LEU B 259 -14.48 21.99 -19.88
CA LEU B 259 -13.84 22.57 -18.70
C LEU B 259 -14.01 24.05 -18.49
N PRO B 260 -13.53 24.88 -19.45
CA PRO B 260 -13.65 26.34 -19.30
C PRO B 260 -15.05 26.75 -18.88
N GLU B 261 -16.03 26.27 -19.63
CA GLU B 261 -17.43 26.56 -19.33
C GLU B 261 -17.66 26.28 -17.85
N VAL B 262 -17.61 25.00 -17.49
CA VAL B 262 -17.82 24.52 -16.11
C VAL B 262 -17.02 25.23 -15.02
N ILE B 263 -15.78 25.61 -15.33
CA ILE B 263 -14.90 26.27 -14.37
C ILE B 263 -15.31 27.70 -14.04
N ASN B 264 -16.12 28.30 -14.91
CA ASN B 264 -16.58 29.66 -14.71
C ASN B 264 -17.99 29.72 -14.16
N GLU B 265 -18.84 28.82 -14.63
CA GLU B 265 -20.24 28.78 -14.21
C GLU B 265 -20.43 28.16 -12.83
N LEU B 266 -20.01 26.90 -12.71
CA LEU B 266 -20.16 26.17 -11.46
C LEU B 266 -19.15 26.44 -10.37
N PHE B 267 -17.95 26.88 -10.75
CA PHE B 267 -16.93 27.11 -9.74
C PHE B 267 -16.53 28.54 -9.48
N ASP B 268 -17.00 29.45 -10.31
CA ASP B 268 -16.69 30.86 -10.14
C ASP B 268 -15.19 31.13 -10.14
N ILE B 269 -14.48 30.44 -11.03
CA ILE B 269 -13.05 30.64 -11.14
C ILE B 269 -12.67 31.13 -12.53
N GLU B 270 -12.05 32.31 -12.57
CA GLU B 270 -11.58 32.93 -13.80
C GLU B 270 -10.09 32.70 -13.94
N LEU B 271 -9.69 32.00 -15.00
CA LEU B 271 -8.30 31.71 -15.26
C LEU B 271 -7.85 32.41 -16.54
N PRO B 272 -6.60 32.88 -16.59
CA PRO B 272 -6.12 33.55 -17.80
C PRO B 272 -6.17 32.54 -18.95
N GLY B 273 -6.35 33.04 -20.17
CA GLY B 273 -6.41 32.13 -21.30
C GLY B 273 -5.32 31.06 -21.31
N PRO B 274 -4.03 31.43 -21.11
CA PRO B 274 -2.91 30.49 -21.10
C PRO B 274 -3.16 29.25 -20.23
N ASP B 275 -3.30 29.50 -18.92
CA ASP B 275 -3.54 28.48 -17.92
C ASP B 275 -4.73 27.63 -18.29
N LEU B 276 -5.71 28.25 -18.93
CA LEU B 276 -6.89 27.51 -19.36
C LEU B 276 -6.42 26.50 -20.40
N ASP B 277 -5.55 26.94 -21.32
CA ASP B 277 -5.05 26.04 -22.37
C ASP B 277 -4.15 24.97 -21.77
N ALA B 278 -3.25 25.40 -20.88
CA ALA B 278 -2.34 24.47 -20.23
C ALA B 278 -3.18 23.43 -19.49
N LEU B 279 -4.36 23.86 -19.06
CA LEU B 279 -5.28 22.96 -18.35
C LEU B 279 -5.96 22.05 -19.36
N THR B 280 -6.66 22.67 -20.31
CA THR B 280 -7.38 21.98 -21.38
C THR B 280 -6.52 21.07 -22.23
N THR B 281 -5.19 21.18 -22.09
CA THR B 281 -4.25 20.36 -22.86
C THR B 281 -2.88 20.39 -22.16
N GLY B 282 -2.80 19.69 -21.03
CA GLY B 282 -1.56 19.64 -20.27
C GLY B 282 -1.17 18.20 -20.03
N SER B 283 -0.28 17.98 -19.06
CA SER B 283 0.19 16.64 -18.75
C SER B 283 -0.85 15.69 -18.11
N TRP B 284 -1.38 16.08 -16.94
CA TRP B 284 -2.34 15.26 -16.19
C TRP B 284 -3.29 14.42 -17.06
N LEU B 285 -3.73 15.00 -18.17
CA LEU B 285 -4.63 14.28 -19.09
C LEU B 285 -4.12 12.86 -19.38
N ASP C 5 9.19 0.25 -11.64
CA ASP C 5 8.35 -0.91 -11.18
C ASP C 5 8.21 -0.93 -9.65
N ASP C 6 6.98 -1.11 -9.18
CA ASP C 6 6.68 -1.14 -7.75
C ASP C 6 6.86 -2.53 -7.11
N PRO C 7 6.87 -2.58 -5.76
CA PRO C 7 7.03 -3.80 -4.95
C PRO C 7 6.27 -5.04 -5.41
N ALA C 8 5.01 -4.84 -5.80
CA ALA C 8 4.14 -5.93 -6.23
C ALA C 8 4.77 -6.86 -7.28
N TYR C 9 5.49 -6.28 -8.24
CA TYR C 9 6.13 -7.08 -9.28
C TYR C 9 7.47 -7.63 -8.83
N HIS C 10 7.73 -7.62 -7.54
CA HIS C 10 9.00 -8.12 -7.07
C HIS C 10 8.94 -9.07 -5.88
N TRP C 11 10.05 -9.20 -5.17
CA TRP C 11 10.08 -10.18 -4.09
C TRP C 11 10.42 -9.77 -2.66
N ASN C 12 10.26 -8.50 -2.34
CA ASN C 12 10.55 -8.04 -0.98
C ASN C 12 11.98 -8.28 -0.51
N GLY C 13 12.93 -8.22 -1.43
CA GLY C 13 14.31 -8.42 -1.04
C GLY C 13 14.67 -7.77 0.29
N ALA C 14 14.55 -6.45 0.36
CA ALA C 14 14.89 -5.71 1.56
C ALA C 14 14.40 -6.32 2.89
N GLU C 15 13.33 -7.10 2.87
CA GLU C 15 12.80 -7.66 4.12
C GLU C 15 13.44 -8.96 4.56
N LEU C 16 14.51 -9.33 3.88
CA LEU C 16 15.23 -10.55 4.17
C LEU C 16 16.56 -10.29 4.87
N ASP C 17 16.80 -11.05 5.92
CA ASP C 17 18.05 -11.00 6.68
C ASP C 17 19.00 -11.92 5.86
N LEU C 18 19.45 -11.41 4.71
CA LEU C 18 20.32 -12.18 3.80
C LEU C 18 21.37 -13.09 4.43
N ASP C 19 22.06 -12.62 5.46
CA ASP C 19 23.10 -13.43 6.10
C ASP C 19 22.56 -14.68 6.78
N ALA C 20 21.48 -14.51 7.54
CA ALA C 20 20.88 -15.63 8.25
C ALA C 20 20.37 -16.64 7.25
N TYR C 21 19.93 -16.17 6.09
CA TYR C 21 19.44 -17.08 5.09
C TYR C 21 20.59 -17.90 4.53
N LEU C 22 21.57 -17.20 3.94
CA LEU C 22 22.72 -17.87 3.36
C LEU C 22 23.35 -18.83 4.34
N ALA C 23 23.56 -18.36 5.56
CA ALA C 23 24.15 -19.19 6.60
C ALA C 23 23.30 -20.44 6.83
N ARG C 24 22.00 -20.25 7.07
CA ARG C 24 21.08 -21.35 7.29
C ARG C 24 21.18 -22.45 6.22
N ILE C 25 21.30 -22.07 4.96
CA ILE C 25 21.40 -23.07 3.91
C ILE C 25 22.84 -23.49 3.64
N GLY C 26 23.79 -22.77 4.23
CA GLY C 26 25.20 -23.13 4.06
C GLY C 26 25.97 -22.52 2.89
N PHE C 27 25.37 -21.54 2.20
CA PHE C 27 26.01 -20.88 1.06
C PHE C 27 27.25 -20.09 1.48
N ALA C 28 28.36 -20.27 0.75
CA ALA C 28 29.59 -19.54 1.04
C ALA C 28 30.15 -18.95 -0.26
N GLY C 29 29.37 -19.09 -1.32
CA GLY C 29 29.78 -18.59 -2.62
C GLY C 29 29.87 -17.08 -2.73
N GLU C 30 30.35 -16.63 -3.89
CA GLU C 30 30.50 -15.22 -4.23
C GLU C 30 29.10 -14.61 -4.26
N ARG C 31 28.89 -13.54 -3.50
CA ARG C 31 27.59 -12.90 -3.46
C ARG C 31 27.30 -12.03 -4.68
N ALA C 32 27.13 -12.67 -5.85
CA ALA C 32 26.84 -11.94 -7.09
C ALA C 32 25.90 -12.71 -8.03
N PRO C 33 25.24 -12.01 -8.97
CA PRO C 33 24.34 -12.68 -9.90
C PRO C 33 25.07 -13.48 -10.97
N THR C 34 25.91 -14.42 -10.53
CA THR C 34 26.65 -15.28 -11.45
C THR C 34 25.98 -16.66 -11.48
N LEU C 35 26.26 -17.43 -12.52
CA LEU C 35 25.66 -18.74 -12.65
C LEU C 35 26.11 -19.67 -11.52
N ALA C 36 27.43 -19.76 -11.30
CA ALA C 36 27.96 -20.65 -10.27
C ALA C 36 27.30 -20.37 -8.92
N THR C 37 26.85 -19.13 -8.72
CA THR C 37 26.20 -18.76 -7.47
C THR C 37 24.79 -19.33 -7.46
N LEU C 38 24.11 -19.22 -8.60
CA LEU C 38 22.77 -19.75 -8.73
C LEU C 38 22.79 -21.23 -8.44
N ARG C 39 23.72 -21.94 -9.07
CA ARG C 39 23.84 -23.37 -8.88
C ARG C 39 24.11 -23.76 -7.44
N GLU C 40 24.91 -22.98 -6.73
CA GLU C 40 25.18 -23.32 -5.33
C GLU C 40 23.95 -23.04 -4.45
N LEU C 41 23.28 -21.92 -4.73
CA LEU C 41 22.09 -21.53 -3.98
C LEU C 41 20.98 -22.57 -4.04
N VAL C 42 20.80 -23.15 -5.23
CA VAL C 42 19.77 -24.17 -5.40
C VAL C 42 20.20 -25.45 -4.69
N TYR C 43 21.48 -25.77 -4.80
CA TYR C 43 22.03 -26.96 -4.18
C TYR C 43 21.84 -26.89 -2.67
N ARG C 44 22.25 -25.78 -2.07
CA ARG C 44 22.13 -25.57 -0.64
C ARG C 44 20.69 -25.62 -0.14
N HIS C 45 19.85 -24.71 -0.64
CA HIS C 45 18.45 -24.63 -0.24
C HIS C 45 17.78 -26.00 -0.31
N THR C 46 17.81 -26.62 -1.50
CA THR C 46 17.20 -27.92 -1.72
C THR C 46 17.68 -29.01 -0.78
N THR C 47 18.97 -29.02 -0.47
CA THR C 47 19.48 -30.06 0.40
C THR C 47 19.63 -29.64 1.85
N ALA C 48 18.97 -28.55 2.22
CA ALA C 48 19.06 -28.07 3.60
C ALA C 48 17.69 -27.84 4.27
N ILE C 49 16.74 -27.29 3.52
CA ILE C 49 15.42 -27.00 4.07
C ILE C 49 14.48 -28.16 3.91
N PRO C 50 13.83 -28.59 4.99
CA PRO C 50 12.90 -29.73 4.90
C PRO C 50 11.66 -29.33 4.11
N PHE C 51 10.81 -30.31 3.84
CA PHE C 51 9.56 -30.04 3.14
C PHE C 51 8.47 -30.54 4.08
N GLU C 52 7.49 -29.70 4.36
CA GLU C 52 6.41 -30.10 5.26
C GLU C 52 5.15 -29.28 5.07
N ASN C 53 4.03 -29.83 5.55
CA ASN C 53 2.71 -29.19 5.49
C ASN C 53 2.06 -29.26 6.86
N LEU C 54 2.86 -29.63 7.86
CA LEU C 54 2.40 -29.78 9.24
C LEU C 54 1.51 -28.70 9.79
N GLU C 55 1.82 -27.42 9.53
CA GLU C 55 0.96 -26.36 10.03
C GLU C 55 -0.45 -26.63 9.50
N ALA C 56 -0.61 -26.62 8.18
CA ALA C 56 -1.92 -26.88 7.58
C ALA C 56 -2.56 -28.14 8.17
N VAL C 57 -1.74 -29.09 8.59
CA VAL C 57 -2.25 -30.31 9.17
C VAL C 57 -2.77 -30.04 10.57
N LEU C 58 -2.17 -29.07 11.26
CA LEU C 58 -2.62 -28.72 12.60
C LEU C 58 -3.68 -27.60 12.53
N GLY C 59 -4.33 -27.51 11.38
CA GLY C 59 -5.37 -26.53 11.17
C GLY C 59 -4.90 -25.09 11.28
N ARG C 60 -3.59 -24.90 11.41
CA ARG C 60 -3.05 -23.56 11.50
C ARG C 60 -2.85 -22.96 10.11
N PRO C 61 -2.81 -21.63 10.04
CA PRO C 61 -2.61 -20.89 8.79
C PRO C 61 -1.17 -20.96 8.30
N VAL C 62 -1.01 -20.86 6.98
CA VAL C 62 0.30 -20.89 6.33
C VAL C 62 0.52 -19.55 5.66
N ARG C 63 1.24 -18.65 6.31
CA ARG C 63 1.49 -17.33 5.73
C ARG C 63 2.79 -17.27 4.94
N LEU C 64 2.77 -16.51 3.85
CA LEU C 64 3.94 -16.36 2.97
C LEU C 64 4.71 -15.04 3.11
N ASP C 65 4.55 -14.37 4.25
CA ASP C 65 5.25 -13.11 4.49
C ASP C 65 6.70 -13.43 4.91
N LEU C 66 7.67 -12.69 4.36
CA LEU C 66 9.08 -12.94 4.67
C LEU C 66 9.36 -13.00 6.17
N ALA C 67 8.50 -12.40 6.97
CA ALA C 67 8.68 -12.44 8.42
C ALA C 67 8.50 -13.86 8.96
N THR C 68 7.36 -14.46 8.63
CA THR C 68 7.00 -15.81 9.04
C THR C 68 7.94 -16.90 8.47
N LEU C 69 8.19 -16.83 7.16
CA LEU C 69 9.04 -17.79 6.47
C LEU C 69 10.43 -17.84 7.08
N GLN C 70 10.95 -16.67 7.43
CA GLN C 70 12.28 -16.60 8.02
C GLN C 70 12.30 -17.19 9.43
N ASP C 71 11.26 -16.93 10.23
CA ASP C 71 11.21 -17.48 11.59
C ASP C 71 11.03 -18.99 11.54
N LYS C 72 10.23 -19.44 10.58
CA LYS C 72 9.95 -20.86 10.42
C LYS C 72 11.13 -21.56 9.75
N LEU C 73 11.29 -21.31 8.46
CA LEU C 73 12.34 -21.94 7.66
C LEU C 73 13.79 -21.61 8.00
N VAL C 74 14.07 -20.37 8.41
CA VAL C 74 15.44 -19.97 8.73
C VAL C 74 15.82 -20.06 10.22
N HIS C 75 15.00 -19.47 11.08
CA HIS C 75 15.29 -19.51 12.52
C HIS C 75 14.56 -20.64 13.23
N SER C 76 14.36 -21.78 12.56
CA SER C 76 13.69 -22.89 13.20
C SER C 76 13.89 -24.27 12.57
N ARG C 77 13.77 -25.31 13.40
CA ARG C 77 13.88 -26.70 12.95
C ARG C 77 12.53 -27.00 12.32
N ARG C 78 12.22 -26.30 11.23
CA ARG C 78 10.96 -26.45 10.51
C ARG C 78 11.21 -26.17 9.05
N GLY C 79 10.20 -26.50 8.22
CA GLY C 79 10.31 -26.27 6.80
C GLY C 79 9.00 -25.73 6.24
N GLY C 80 8.86 -25.78 4.92
CA GLY C 80 7.65 -25.31 4.31
C GLY C 80 7.43 -26.07 3.02
N TYR C 81 6.28 -25.88 2.39
CA TYR C 81 6.03 -26.55 1.13
C TYR C 81 6.39 -25.64 -0.05
N CYS C 82 5.85 -25.94 -1.22
CA CYS C 82 6.13 -25.18 -2.43
C CYS C 82 6.27 -23.67 -2.28
N TYR C 83 5.16 -23.00 -1.98
CA TYR C 83 5.16 -21.55 -1.85
C TYR C 83 6.11 -20.93 -0.85
N GLU C 84 6.23 -21.54 0.33
CA GLU C 84 7.13 -21.02 1.36
C GLU C 84 8.59 -21.07 0.90
N ASN C 85 9.02 -22.21 0.37
CA ASN C 85 10.40 -22.36 -0.10
C ASN C 85 10.76 -21.37 -1.20
N ALA C 86 9.86 -21.18 -2.15
CA ALA C 86 10.11 -20.27 -3.27
C ALA C 86 10.07 -18.79 -2.92
N GLY C 87 9.24 -18.43 -1.94
CA GLY C 87 9.15 -17.03 -1.56
C GLY C 87 10.47 -16.61 -0.94
N LEU C 88 10.98 -17.45 -0.06
CA LEU C 88 12.22 -17.17 0.60
C LEU C 88 13.33 -17.05 -0.44
N PHE C 89 13.45 -18.10 -1.26
CA PHE C 89 14.47 -18.18 -2.32
C PHE C 89 14.44 -17.05 -3.35
N ALA C 90 13.27 -16.51 -3.64
CA ALA C 90 13.19 -15.43 -4.62
C ALA C 90 13.70 -14.15 -3.98
N ALA C 91 13.45 -14.01 -2.68
CA ALA C 91 13.90 -12.84 -1.94
C ALA C 91 15.42 -12.82 -1.99
N ALA C 92 16.02 -13.91 -1.55
CA ALA C 92 17.46 -14.03 -1.56
C ALA C 92 17.99 -13.75 -2.97
N LEU C 93 17.30 -14.25 -3.99
CA LEU C 93 17.73 -14.08 -5.37
C LEU C 93 17.69 -12.66 -5.88
N GLU C 94 16.64 -11.93 -5.50
CA GLU C 94 16.47 -10.54 -5.90
C GLU C 94 17.58 -9.71 -5.28
N ARG C 95 17.89 -10.03 -4.03
CA ARG C 95 18.94 -9.34 -3.29
C ARG C 95 20.30 -9.56 -3.94
N LEU C 96 20.64 -10.82 -4.23
CA LEU C 96 21.94 -11.10 -4.82
C LEU C 96 22.04 -10.58 -6.24
N GLY C 97 20.98 -9.88 -6.68
CA GLY C 97 20.98 -9.28 -7.99
C GLY C 97 20.55 -10.12 -9.19
N PHE C 98 19.71 -11.11 -8.98
CA PHE C 98 19.27 -11.94 -10.10
C PHE C 98 17.98 -11.42 -10.70
N GLY C 99 17.79 -11.69 -11.99
CA GLY C 99 16.57 -11.31 -12.67
C GLY C 99 15.63 -12.47 -12.36
N VAL C 100 14.51 -12.19 -11.69
CA VAL C 100 13.58 -13.25 -11.29
C VAL C 100 12.15 -13.11 -11.81
N THR C 101 11.59 -14.21 -12.31
CA THR C 101 10.23 -14.22 -12.82
C THR C 101 9.48 -15.43 -12.26
N GLY C 102 8.31 -15.19 -11.70
CA GLY C 102 7.55 -16.30 -11.15
C GLY C 102 6.84 -17.07 -12.25
N HIS C 103 6.73 -18.38 -12.05
CA HIS C 103 6.04 -19.25 -12.99
C HIS C 103 5.27 -20.20 -12.12
N THR C 104 4.17 -20.72 -12.63
CA THR C 104 3.40 -21.66 -11.86
C THR C 104 3.18 -22.90 -12.72
N GLY C 105 3.09 -24.06 -12.08
CA GLY C 105 2.90 -25.28 -12.81
C GLY C 105 1.97 -26.24 -12.11
N ARG C 106 1.53 -27.26 -12.84
CA ARG C 106 0.64 -28.27 -12.29
C ARG C 106 1.41 -29.54 -12.06
N VAL C 107 1.34 -30.08 -10.86
CA VAL C 107 2.02 -31.34 -10.60
C VAL C 107 1.15 -32.40 -11.24
N THR C 108 1.77 -33.41 -11.84
CA THR C 108 0.99 -34.45 -12.47
C THR C 108 1.43 -35.80 -11.92
N MET C 109 2.73 -36.07 -11.99
CA MET C 109 3.31 -37.32 -11.50
C MET C 109 2.63 -38.52 -12.14
N GLY C 110 2.65 -38.57 -13.47
CA GLY C 110 2.03 -39.70 -14.16
C GLY C 110 0.52 -39.70 -14.11
N ALA C 111 -0.05 -39.35 -12.96
CA ALA C 111 -1.50 -39.31 -12.81
C ALA C 111 -2.08 -38.41 -13.91
N GLY C 112 -3.31 -38.68 -14.33
CA GLY C 112 -3.91 -37.85 -15.37
C GLY C 112 -4.78 -36.71 -14.87
N GLY C 113 -5.80 -36.39 -15.66
CA GLY C 113 -6.72 -35.33 -15.30
C GLY C 113 -6.06 -33.96 -15.42
N LEU C 114 -6.53 -33.02 -14.62
CA LEU C 114 -5.99 -31.67 -14.64
C LEU C 114 -5.98 -31.21 -13.20
N ARG C 115 -4.80 -31.08 -12.62
CA ARG C 115 -4.67 -30.69 -11.23
C ARG C 115 -4.47 -29.18 -11.07
N PRO C 116 -4.60 -28.69 -9.83
CA PRO C 116 -4.43 -27.25 -9.59
C PRO C 116 -3.07 -26.74 -10.08
N ALA C 117 -3.01 -25.51 -10.53
CA ALA C 117 -1.75 -24.94 -10.97
C ALA C 117 -1.26 -24.22 -9.73
N THR C 118 -0.82 -25.00 -8.75
CA THR C 118 -0.36 -24.46 -7.48
C THR C 118 1.10 -24.77 -7.12
N HIS C 119 1.95 -24.85 -8.13
CA HIS C 119 3.36 -25.13 -7.87
C HIS C 119 4.24 -23.97 -8.28
N ALA C 120 4.91 -23.38 -7.30
CA ALA C 120 5.79 -22.25 -7.53
C ALA C 120 7.09 -22.62 -8.21
N LEU C 121 7.39 -21.92 -9.28
CA LEU C 121 8.63 -22.12 -10.03
C LEU C 121 9.23 -20.75 -10.20
N LEU C 122 10.55 -20.67 -10.36
CA LEU C 122 11.19 -19.38 -10.54
C LEU C 122 12.07 -19.39 -11.77
N ARG C 123 11.84 -18.43 -12.66
CA ARG C 123 12.60 -18.28 -13.90
C ARG C 123 13.68 -17.27 -13.54
N VAL C 124 14.95 -17.66 -13.70
CA VAL C 124 16.06 -16.79 -13.33
C VAL C 124 17.09 -16.55 -14.41
N THR C 125 17.58 -15.31 -14.48
CA THR C 125 18.60 -14.92 -15.44
C THR C 125 19.78 -14.36 -14.68
N THR C 126 21.00 -14.60 -15.17
CA THR C 126 22.21 -14.12 -14.50
C THR C 126 22.95 -13.00 -15.22
N ALA C 127 24.07 -12.60 -14.64
CA ALA C 127 24.89 -11.54 -15.22
C ALA C 127 25.81 -12.12 -16.28
N ASP C 128 26.08 -13.42 -16.20
CA ASP C 128 26.96 -14.11 -17.15
C ASP C 128 26.31 -14.34 -18.52
N ASP C 129 25.55 -15.44 -18.64
CA ASP C 129 24.92 -15.79 -19.92
C ASP C 129 23.49 -15.25 -20.09
N ASP C 130 22.97 -15.38 -21.32
CA ASP C 130 21.64 -14.88 -21.66
C ASP C 130 20.57 -15.98 -21.56
N ARG C 131 21.03 -17.19 -21.28
CA ARG C 131 20.14 -18.35 -21.13
C ARG C 131 19.22 -18.19 -19.92
N VAL C 132 18.08 -18.87 -19.96
CA VAL C 132 17.12 -18.82 -18.88
C VAL C 132 17.29 -20.03 -17.95
N TRP C 133 17.19 -19.80 -16.65
CA TRP C 133 17.35 -20.90 -15.68
C TRP C 133 16.12 -21.16 -14.81
N MET C 134 15.60 -22.38 -14.89
CA MET C 134 14.44 -22.75 -14.09
C MET C 134 14.90 -23.25 -12.72
N CYS C 135 14.33 -22.66 -11.66
CA CYS C 135 14.68 -23.06 -10.29
C CYS C 135 13.47 -23.63 -9.55
N ASP C 136 13.54 -24.91 -9.20
CA ASP C 136 12.46 -25.61 -8.49
C ASP C 136 12.92 -26.03 -7.10
N VAL C 137 12.93 -25.09 -6.16
CA VAL C 137 13.39 -25.39 -4.81
C VAL C 137 12.33 -25.73 -3.75
N GLY C 138 11.07 -25.83 -4.15
CA GLY C 138 10.02 -26.13 -3.19
C GLY C 138 9.32 -27.46 -3.38
N PHE C 139 9.62 -28.13 -4.48
CA PHE C 139 9.01 -29.42 -4.76
C PHE C 139 9.45 -30.50 -3.77
N GLY C 140 10.52 -30.25 -3.03
CA GLY C 140 10.99 -31.22 -2.04
C GLY C 140 11.83 -32.39 -2.54
N ARG C 141 12.12 -32.45 -3.84
CA ARG C 141 12.92 -33.54 -4.40
C ARG C 141 13.82 -32.91 -5.44
N GLY C 142 14.47 -31.82 -5.06
CA GLY C 142 15.33 -31.14 -5.99
C GLY C 142 14.50 -30.63 -7.14
N PRO C 143 15.07 -30.44 -8.32
CA PRO C 143 16.49 -30.64 -8.62
C PRO C 143 17.38 -29.79 -7.72
N LEU C 144 18.50 -30.36 -7.29
CA LEU C 144 19.43 -29.63 -6.43
C LEU C 144 20.28 -28.69 -7.28
N ARG C 145 19.80 -28.41 -8.49
CA ARG C 145 20.49 -27.50 -9.39
C ARG C 145 19.48 -26.93 -10.37
N PRO C 146 19.75 -25.74 -10.90
CA PRO C 146 18.78 -25.18 -11.85
C PRO C 146 18.90 -25.91 -13.17
N TYR C 147 17.80 -25.99 -13.91
CA TYR C 147 17.85 -26.65 -15.21
C TYR C 147 17.45 -25.62 -16.24
N GLU C 148 18.13 -25.65 -17.37
CA GLU C 148 17.89 -24.68 -18.44
C GLU C 148 16.54 -24.78 -19.12
N LEU C 149 15.99 -23.62 -19.41
CA LEU C 149 14.69 -23.51 -20.06
C LEU C 149 14.80 -23.65 -21.57
N ARG C 150 15.13 -24.86 -22.01
CA ARG C 150 15.23 -25.15 -23.43
C ARG C 150 14.98 -26.65 -23.56
N PRO C 151 14.43 -27.09 -24.69
CA PRO C 151 14.16 -28.50 -24.91
C PRO C 151 15.34 -29.40 -24.60
N GLN C 152 15.09 -30.44 -23.80
CA GLN C 152 16.11 -31.40 -23.44
C GLN C 152 15.41 -32.74 -23.35
N PRO C 153 14.97 -33.26 -24.50
CA PRO C 153 14.27 -34.54 -24.65
C PRO C 153 15.14 -35.71 -24.23
N ASP C 154 16.44 -35.58 -24.43
CA ASP C 154 17.35 -36.65 -24.07
C ASP C 154 17.74 -36.57 -22.59
N GLU C 155 17.64 -37.71 -21.92
CA GLU C 155 17.97 -37.82 -20.51
C GLU C 155 19.24 -37.05 -20.12
N PHE C 156 19.14 -36.26 -19.05
CA PHE C 156 20.30 -35.55 -18.54
C PHE C 156 20.23 -35.64 -17.03
N THR C 157 21.28 -35.19 -16.34
CA THR C 157 21.30 -35.30 -14.90
C THR C 157 21.69 -34.04 -14.16
N LEU C 158 20.82 -33.64 -13.26
CA LEU C 158 21.06 -32.49 -12.41
C LEU C 158 21.59 -33.25 -11.19
N GLY C 159 22.91 -33.23 -11.02
CA GLY C 159 23.50 -33.97 -9.92
C GLY C 159 23.48 -35.41 -10.39
N ASP C 160 23.05 -36.32 -9.54
CA ASP C 160 22.97 -37.72 -9.93
C ASP C 160 21.57 -38.09 -10.40
N TRP C 161 20.58 -37.28 -10.05
CA TRP C 161 19.21 -37.54 -10.46
C TRP C 161 18.99 -37.22 -11.93
N ARG C 162 18.23 -38.09 -12.60
CA ARG C 162 17.94 -37.99 -14.04
C ARG C 162 16.63 -37.28 -14.40
N PHE C 163 16.71 -36.46 -15.45
CA PHE C 163 15.57 -35.68 -15.91
C PHE C 163 15.46 -35.64 -17.41
N ARG C 164 14.35 -35.05 -17.85
CA ARG C 164 14.02 -34.86 -19.24
C ARG C 164 13.11 -33.66 -19.26
N LEU C 165 13.35 -32.76 -20.20
CA LEU C 165 12.54 -31.56 -20.29
C LEU C 165 12.01 -31.42 -21.72
N GLU C 166 10.69 -31.46 -21.85
CA GLU C 166 10.04 -31.35 -23.14
C GLU C 166 9.23 -30.09 -23.23
N ARG C 167 9.27 -29.46 -24.40
CA ARG C 167 8.47 -28.27 -24.60
C ARG C 167 7.32 -28.73 -25.50
N ARG C 168 6.17 -28.97 -24.89
CA ARG C 168 5.01 -29.42 -25.63
C ARG C 168 4.22 -28.22 -26.12
N THR C 169 3.00 -28.48 -26.55
CA THR C 169 2.18 -27.39 -27.05
C THR C 169 0.71 -27.56 -26.63
N GLY C 170 0.38 -26.90 -25.52
CA GLY C 170 -0.96 -26.94 -24.95
C GLY C 170 -2.07 -26.34 -25.79
N GLU C 171 -3.22 -26.11 -25.15
CA GLU C 171 -4.36 -25.52 -25.87
C GLU C 171 -3.87 -24.18 -26.45
N LEU C 172 -4.52 -23.75 -27.52
CA LEU C 172 -4.14 -22.50 -28.18
C LEU C 172 -2.74 -22.63 -28.77
N GLY C 173 -2.20 -23.84 -28.73
CA GLY C 173 -0.88 -24.11 -29.28
C GLY C 173 0.24 -23.37 -28.59
N THR C 174 0.02 -23.06 -27.31
CA THR C 174 1.01 -22.33 -26.52
C THR C 174 2.09 -23.22 -25.92
N ASP C 175 3.12 -22.56 -25.40
CA ASP C 175 4.22 -23.24 -24.75
C ASP C 175 3.66 -24.00 -23.56
N LEU C 176 4.03 -25.26 -23.41
CA LEU C 176 3.60 -26.05 -22.27
C LEU C 176 4.78 -26.94 -21.95
N TRP C 177 5.54 -26.55 -20.94
CA TRP C 177 6.72 -27.30 -20.57
C TRP C 177 6.38 -28.49 -19.68
N VAL C 178 7.12 -29.57 -19.89
CA VAL C 178 6.91 -30.80 -19.13
C VAL C 178 8.24 -31.33 -18.61
N LEU C 179 8.41 -31.32 -17.30
CA LEU C 179 9.63 -31.83 -16.68
C LEU C 179 9.39 -33.28 -16.36
N HIS C 180 10.29 -34.15 -16.83
CA HIS C 180 10.18 -35.57 -16.59
C HIS C 180 11.27 -36.02 -15.64
N GLN C 181 10.90 -36.77 -14.61
CA GLN C 181 11.88 -37.28 -13.67
C GLN C 181 11.89 -38.81 -13.67
N PHE C 182 13.00 -39.39 -13.24
CA PHE C 182 13.14 -40.84 -13.18
C PHE C 182 13.17 -41.20 -11.71
N GLY C 183 12.32 -42.14 -11.31
CA GLY C 183 12.28 -42.52 -9.90
C GLY C 183 11.85 -43.95 -9.60
N ARG C 184 11.29 -44.17 -8.42
CA ARG C 184 10.87 -45.51 -8.04
C ARG C 184 9.68 -46.05 -8.83
N ASP C 185 9.63 -45.70 -10.11
CA ASP C 185 8.55 -46.15 -10.95
C ASP C 185 8.90 -45.85 -12.39
N GLY C 186 10.19 -45.69 -12.64
CA GLY C 186 10.66 -45.39 -13.97
C GLY C 186 10.32 -43.95 -14.29
N TRP C 187 10.50 -43.59 -15.56
CA TRP C 187 10.21 -42.26 -16.02
C TRP C 187 8.77 -41.87 -15.79
N VAL C 188 8.58 -40.68 -15.25
CA VAL C 188 7.25 -40.15 -15.02
C VAL C 188 7.37 -38.64 -15.14
N ASP C 189 6.30 -38.02 -15.60
CA ASP C 189 6.29 -36.57 -15.73
C ASP C 189 5.98 -36.01 -14.35
N ARG C 190 6.84 -35.15 -13.84
CA ARG C 190 6.64 -34.55 -12.53
C ARG C 190 5.53 -33.49 -12.55
N TYR C 191 5.69 -32.49 -13.40
CA TYR C 191 4.71 -31.42 -13.53
C TYR C 191 4.79 -30.77 -14.91
N THR C 192 3.91 -29.81 -15.12
CA THR C 192 3.88 -29.09 -16.38
C THR C 192 3.71 -27.63 -16.02
N PHE C 193 4.14 -26.73 -16.89
CA PHE C 193 3.98 -25.32 -16.58
C PHE C 193 3.99 -24.45 -17.81
N THR C 194 3.38 -23.29 -17.70
CA THR C 194 3.32 -22.34 -18.79
C THR C 194 4.22 -21.19 -18.43
N THR C 195 4.68 -20.47 -19.45
CA THR C 195 5.60 -19.35 -19.23
C THR C 195 4.90 -18.02 -19.00
N ALA C 196 3.75 -18.08 -18.34
CA ALA C 196 3.01 -16.85 -18.05
C ALA C 196 3.61 -16.25 -16.78
N PRO C 197 3.88 -14.93 -16.78
CA PRO C 197 4.45 -14.31 -15.59
C PRO C 197 3.56 -14.49 -14.35
N GLN C 198 4.19 -14.69 -13.20
CA GLN C 198 3.49 -14.88 -11.94
C GLN C 198 4.18 -14.06 -10.84
N TYR C 199 3.42 -13.64 -9.84
CA TYR C 199 3.96 -12.84 -8.74
C TYR C 199 3.46 -13.29 -7.37
N ARG C 200 4.03 -12.69 -6.32
CA ARG C 200 3.67 -13.01 -4.95
C ARG C 200 2.17 -12.99 -4.78
N ILE C 201 1.51 -12.10 -5.51
CA ILE C 201 0.05 -11.97 -5.45
C ILE C 201 -0.58 -13.29 -5.91
N ASP C 202 -0.11 -13.80 -7.03
CA ASP C 202 -0.60 -15.06 -7.58
C ASP C 202 -0.25 -16.23 -6.65
N PHE C 203 0.98 -16.24 -6.16
CA PHE C 203 1.42 -17.29 -5.24
C PHE C 203 0.52 -17.28 -4.01
N GLU C 204 0.04 -16.08 -3.69
CA GLU C 204 -0.81 -15.89 -2.54
C GLU C 204 -2.12 -16.67 -2.62
N VAL C 205 -2.71 -16.71 -3.82
CA VAL C 205 -3.95 -17.43 -4.05
C VAL C 205 -3.69 -18.91 -4.00
N GLY C 206 -2.70 -19.35 -4.76
CA GLY C 206 -2.37 -20.76 -4.76
C GLY C 206 -2.17 -21.21 -3.32
N ASN C 207 -1.36 -20.45 -2.57
CA ASN C 207 -1.10 -20.83 -1.20
C ASN C 207 -2.36 -20.97 -0.38
N HIS C 208 -3.26 -20.01 -0.51
CA HIS C 208 -4.51 -20.07 0.24
C HIS C 208 -5.23 -21.36 -0.06
N PHE C 209 -5.30 -21.71 -1.33
CA PHE C 209 -5.96 -22.93 -1.76
C PHE C 209 -5.33 -24.17 -1.13
N VAL C 210 -4.02 -24.30 -1.27
CA VAL C 210 -3.31 -25.46 -0.74
C VAL C 210 -3.45 -25.67 0.76
N SER C 211 -3.57 -24.59 1.51
CA SER C 211 -3.65 -24.69 2.95
C SER C 211 -5.04 -24.67 3.59
N THR C 212 -6.02 -24.08 2.91
CA THR C 212 -7.35 -24.00 3.49
C THR C 212 -8.41 -24.78 2.75
N SER C 213 -8.34 -24.78 1.42
CA SER C 213 -9.33 -25.49 0.61
C SER C 213 -9.55 -26.92 1.06
N PRO C 214 -10.81 -27.28 1.40
CA PRO C 214 -11.09 -28.66 1.82
C PRO C 214 -10.77 -29.64 0.69
N ARG C 215 -10.99 -29.20 -0.55
CA ARG C 215 -10.72 -30.03 -1.73
C ARG C 215 -9.19 -30.09 -1.93
N SER C 216 -8.46 -30.25 -0.82
CA SER C 216 -7.00 -30.28 -0.85
C SER C 216 -6.30 -31.52 -0.23
N PRO C 217 -5.14 -31.89 -0.79
CA PRO C 217 -4.33 -33.05 -0.35
C PRO C 217 -3.45 -32.68 0.86
N PHE C 218 -2.78 -31.54 0.75
CA PHE C 218 -1.90 -31.04 1.80
C PHE C 218 -2.59 -30.58 3.09
N THR C 219 -3.90 -30.81 3.22
CA THR C 219 -4.58 -30.39 4.44
C THR C 219 -5.06 -31.60 5.22
N THR C 220 -4.90 -32.78 4.63
CA THR C 220 -5.35 -34.00 5.28
C THR C 220 -4.28 -34.66 6.18
N ARG C 221 -3.57 -35.63 5.62
CA ARG C 221 -2.53 -36.36 6.35
C ARG C 221 -1.17 -35.67 6.28
N PRO C 222 -0.24 -36.03 7.19
CA PRO C 222 1.09 -35.41 7.17
C PRO C 222 1.79 -35.74 5.86
N PHE C 223 2.70 -34.87 5.45
CA PHE C 223 3.41 -35.09 4.20
C PHE C 223 4.74 -34.35 4.23
N LEU C 224 5.78 -35.06 4.63
CA LEU C 224 7.11 -34.48 4.73
C LEU C 224 8.11 -35.07 3.75
N GLN C 225 9.07 -34.24 3.34
CA GLN C 225 10.14 -34.65 2.43
C GLN C 225 11.46 -34.09 2.96
N ARG C 226 12.55 -34.78 2.66
CA ARG C 226 13.88 -34.32 3.04
C ARG C 226 14.77 -34.68 1.86
N PHE C 227 15.36 -33.67 1.24
CA PHE C 227 16.21 -33.89 0.07
C PHE C 227 17.72 -33.75 0.27
N HIS C 228 18.43 -34.86 0.09
CA HIS C 228 19.87 -34.87 0.23
C HIS C 228 20.43 -35.10 -1.17
N SER C 229 21.73 -34.98 -1.32
CA SER C 229 22.35 -35.14 -2.61
C SER C 229 22.30 -36.59 -3.11
N ASP C 230 22.30 -37.54 -2.18
CA ASP C 230 22.34 -38.96 -2.54
C ASP C 230 21.09 -39.78 -2.20
N ARG C 231 20.12 -39.16 -1.54
CA ARG C 231 18.91 -39.87 -1.19
C ARG C 231 17.73 -38.92 -0.94
N HIS C 232 16.52 -39.43 -1.16
CA HIS C 232 15.31 -38.65 -0.98
C HIS C 232 14.37 -39.28 0.04
N HIS C 233 14.15 -38.60 1.17
CA HIS C 233 13.25 -39.14 2.19
C HIS C 233 11.84 -38.59 2.00
N VAL C 234 10.83 -39.44 2.16
CA VAL C 234 9.43 -39.04 2.02
C VAL C 234 8.58 -39.68 3.11
N LEU C 235 7.70 -38.89 3.71
CA LEU C 235 6.78 -39.39 4.74
C LEU C 235 5.36 -39.06 4.33
N ASP C 236 4.69 -40.01 3.69
CA ASP C 236 3.32 -39.82 3.23
C ASP C 236 2.39 -40.45 4.27
N GLY C 237 1.83 -39.64 5.16
CA GLY C 237 0.99 -40.18 6.20
C GLY C 237 1.93 -41.01 7.08
N LEU C 238 1.72 -42.32 7.13
CA LEU C 238 2.61 -43.17 7.92
C LEU C 238 3.58 -43.96 7.03
N THR C 239 3.44 -43.83 5.72
CA THR C 239 4.36 -44.51 4.81
C THR C 239 5.64 -43.69 4.68
N LEU C 240 6.77 -44.32 4.97
CA LEU C 240 8.07 -43.67 4.89
C LEU C 240 8.89 -44.28 3.76
N ILE C 241 9.26 -43.47 2.78
CA ILE C 241 10.04 -43.97 1.67
C ILE C 241 11.35 -43.21 1.54
N THR C 242 12.43 -43.96 1.33
CA THR C 242 13.74 -43.36 1.13
C THR C 242 14.26 -43.96 -0.16
N GLU C 243 14.40 -43.14 -1.20
CA GLU C 243 14.90 -43.63 -2.47
C GLU C 243 16.20 -43.00 -2.94
N ARG C 244 16.82 -43.59 -3.96
CA ARG C 244 18.09 -43.10 -4.50
C ARG C 244 18.03 -42.75 -5.99
N PRO C 245 19.03 -41.99 -6.48
CA PRO C 245 19.07 -41.58 -7.89
C PRO C 245 18.90 -42.68 -8.92
N ASP C 246 19.20 -43.92 -8.54
CA ASP C 246 19.08 -45.04 -9.47
C ASP C 246 17.67 -45.59 -9.46
N GLY C 247 16.82 -44.97 -8.65
CA GLY C 247 15.44 -45.40 -8.57
C GLY C 247 15.17 -46.40 -7.45
N SER C 248 16.20 -47.10 -7.00
CA SER C 248 16.01 -48.07 -5.94
C SER C 248 15.35 -47.36 -4.78
N ALA C 249 14.55 -48.10 -4.00
CA ALA C 249 13.86 -47.48 -2.87
C ALA C 249 13.48 -48.42 -1.72
N ASP C 250 13.47 -47.88 -0.49
CA ASP C 250 13.10 -48.64 0.69
C ASP C 250 11.80 -48.08 1.24
N ILE C 251 10.90 -48.97 1.66
CA ILE C 251 9.60 -48.57 2.22
C ILE C 251 9.43 -49.09 3.64
N ARG C 252 8.67 -48.37 4.46
CA ARG C 252 8.42 -48.82 5.82
C ARG C 252 7.17 -48.19 6.39
N ALA C 253 6.31 -49.03 6.97
CA ALA C 253 5.06 -48.56 7.58
C ALA C 253 5.34 -48.13 9.01
N LEU C 254 5.36 -46.83 9.26
CA LEU C 254 5.63 -46.32 10.60
C LEU C 254 4.43 -46.49 11.50
N THR C 255 4.66 -46.49 12.80
CA THR C 255 3.58 -46.61 13.76
C THR C 255 3.46 -45.17 14.27
N PRO C 256 2.22 -44.72 14.58
CA PRO C 256 2.06 -43.34 15.07
C PRO C 256 3.08 -43.00 16.14
N GLY C 257 3.34 -43.97 17.02
CA GLY C 257 4.30 -43.76 18.08
C GLY C 257 5.67 -43.44 17.55
N GLU C 258 5.96 -43.93 16.35
CA GLU C 258 7.26 -43.72 15.71
C GLU C 258 7.49 -42.35 15.05
N LEU C 259 6.40 -41.65 14.72
CA LEU C 259 6.51 -40.37 14.04
C LEU C 259 7.43 -39.31 14.70
N PRO C 260 7.28 -39.07 16.01
CA PRO C 260 8.13 -38.07 16.67
C PRO C 260 9.63 -38.23 16.38
N GLU C 261 10.19 -39.39 16.72
CA GLU C 261 11.60 -39.66 16.49
C GLU C 261 11.97 -39.57 15.01
N VAL C 262 11.03 -39.93 14.13
CA VAL C 262 11.26 -39.89 12.69
C VAL C 262 11.29 -38.44 12.18
N ILE C 263 10.20 -37.73 12.37
CA ILE C 263 10.08 -36.34 11.95
C ILE C 263 11.27 -35.51 12.41
N ASN C 264 11.82 -35.85 13.57
CA ASN C 264 12.96 -35.14 14.12
C ASN C 264 14.32 -35.62 13.60
N GLU C 265 14.51 -36.94 13.58
CA GLU C 265 15.76 -37.53 13.13
C GLU C 265 15.91 -37.59 11.60
N LEU C 266 14.88 -38.07 10.92
CA LEU C 266 14.91 -38.19 9.47
C LEU C 266 14.70 -36.89 8.73
N PHE C 267 13.68 -36.15 9.14
CA PHE C 267 13.32 -34.90 8.47
C PHE C 267 13.78 -33.58 9.07
N ASP C 268 14.51 -33.64 10.18
CA ASP C 268 15.03 -32.43 10.80
C ASP C 268 13.95 -31.42 11.18
N ILE C 269 12.84 -31.91 11.71
CA ILE C 269 11.76 -31.02 12.12
C ILE C 269 11.37 -31.23 13.58
N GLU C 270 11.47 -30.17 14.38
CA GLU C 270 11.11 -30.22 15.78
C GLU C 270 9.77 -29.52 16.07
N LEU C 271 8.92 -30.22 16.81
CA LEU C 271 7.60 -29.71 17.16
C LEU C 271 7.37 -29.78 18.65
N PRO C 272 6.65 -28.78 19.21
CA PRO C 272 6.36 -28.76 20.64
C PRO C 272 5.58 -30.04 20.94
N GLY C 273 5.79 -30.57 22.15
CA GLY C 273 5.11 -31.78 22.58
C GLY C 273 3.61 -31.84 22.26
N PRO C 274 2.90 -30.70 22.33
CA PRO C 274 1.45 -30.74 22.02
C PRO C 274 1.15 -31.04 20.55
N ASP C 275 1.79 -30.29 19.64
CA ASP C 275 1.57 -30.51 18.20
C ASP C 275 1.82 -31.97 17.91
N LEU C 276 2.84 -32.53 18.57
CA LEU C 276 3.12 -33.94 18.38
C LEU C 276 1.89 -34.76 18.77
N ASP C 277 1.29 -34.45 19.93
CA ASP C 277 0.08 -35.17 20.38
C ASP C 277 -1.01 -34.99 19.34
N ALA C 278 -1.19 -33.75 18.91
CA ALA C 278 -2.18 -33.45 17.89
C ALA C 278 -1.96 -34.42 16.73
N LEU C 279 -0.70 -34.47 16.26
CA LEU C 279 -0.34 -35.35 15.15
C LEU C 279 -0.49 -36.84 15.44
N THR C 280 0.28 -37.32 16.42
CA THR C 280 0.29 -38.72 16.81
C THR C 280 -1.08 -39.35 17.06
N THR C 281 -2.15 -38.58 16.90
CA THR C 281 -3.49 -39.13 17.15
C THR C 281 -4.60 -38.36 16.42
N GLY C 282 -4.18 -37.54 15.45
CA GLY C 282 -5.11 -36.73 14.69
C GLY C 282 -6.23 -37.49 14.02
N SER C 283 -7.13 -36.75 13.37
CA SER C 283 -8.26 -37.35 12.66
C SER C 283 -7.81 -38.01 11.37
N TRP C 284 -6.71 -37.49 10.81
CA TRP C 284 -6.16 -38.01 9.57
C TRP C 284 -5.87 -39.51 9.64
N LEU C 285 -5.55 -39.99 10.85
CA LEU C 285 -5.26 -41.40 11.10
C LEU C 285 -6.54 -42.24 11.09
N GLU C 286 -7.44 -41.98 10.14
CA GLU C 286 -8.68 -42.73 10.09
C GLU C 286 -9.19 -42.89 8.66
N ASP D 5 -9.86 -35.15 -25.57
CA ASP D 5 -9.51 -34.84 -24.16
C ASP D 5 -10.49 -35.47 -23.15
N ASP D 6 -10.30 -35.19 -21.87
CA ASP D 6 -11.16 -35.74 -20.82
C ASP D 6 -11.91 -34.62 -20.08
N PRO D 7 -12.97 -34.98 -19.36
CA PRO D 7 -13.80 -34.03 -18.61
C PRO D 7 -13.13 -32.78 -18.02
N ALA D 8 -11.94 -32.94 -17.44
CA ALA D 8 -11.28 -31.79 -16.82
C ALA D 8 -10.93 -30.64 -17.76
N TYR D 9 -10.82 -30.90 -19.06
CA TYR D 9 -10.49 -29.83 -20.00
C TYR D 9 -11.73 -29.30 -20.65
N HIS D 10 -12.88 -29.69 -20.10
CA HIS D 10 -14.17 -29.29 -20.64
C HIS D 10 -15.11 -28.72 -19.60
N TRP D 11 -16.38 -28.51 -19.94
CA TRP D 11 -17.28 -27.86 -19.00
C TRP D 11 -18.60 -28.48 -18.58
N ASN D 12 -18.67 -29.81 -18.56
CA ASN D 12 -19.89 -30.52 -18.17
C ASN D 12 -21.16 -30.13 -18.91
N GLY D 13 -21.01 -29.79 -20.18
CA GLY D 13 -22.16 -29.40 -20.97
C GLY D 13 -23.26 -30.44 -20.94
N ALA D 14 -22.89 -31.71 -20.85
CA ALA D 14 -23.86 -32.81 -20.80
C ALA D 14 -24.73 -32.73 -19.56
N GLU D 15 -24.16 -32.17 -18.48
CA GLU D 15 -24.87 -32.03 -17.22
C GLU D 15 -25.81 -30.84 -17.19
N LEU D 16 -25.86 -30.07 -18.28
CA LEU D 16 -26.72 -28.89 -18.31
C LEU D 16 -28.13 -29.06 -18.87
N ASP D 17 -29.09 -28.42 -18.21
CA ASP D 17 -30.48 -28.42 -18.64
C ASP D 17 -30.59 -27.27 -19.65
N LEU D 18 -30.28 -27.56 -20.91
CA LEU D 18 -30.30 -26.53 -21.97
C LEU D 18 -31.54 -25.66 -22.06
N ASP D 19 -32.72 -26.28 -22.05
CA ASP D 19 -33.98 -25.53 -22.17
C ASP D 19 -34.21 -24.57 -21.03
N ALA D 20 -34.08 -25.09 -19.80
CA ALA D 20 -34.27 -24.29 -18.60
C ALA D 20 -33.36 -23.06 -18.65
N TYR D 21 -32.11 -23.27 -19.05
CA TYR D 21 -31.18 -22.17 -19.14
C TYR D 21 -31.47 -21.23 -20.31
N LEU D 22 -31.78 -21.78 -21.47
CA LEU D 22 -32.06 -20.94 -22.62
C LEU D 22 -33.32 -20.12 -22.40
N ALA D 23 -34.16 -20.60 -21.49
CA ALA D 23 -35.41 -19.90 -21.20
C ALA D 23 -35.16 -18.84 -20.12
N ARG D 24 -34.35 -19.21 -19.14
CA ARG D 24 -34.01 -18.33 -18.04
C ARG D 24 -33.48 -16.99 -18.56
N ILE D 25 -32.87 -17.00 -19.74
CA ILE D 25 -32.29 -15.78 -20.31
C ILE D 25 -33.04 -15.26 -21.51
N GLY D 26 -34.17 -15.88 -21.81
CA GLY D 26 -34.99 -15.46 -22.93
C GLY D 26 -34.27 -15.55 -24.26
N PHE D 27 -33.74 -16.73 -24.57
CA PHE D 27 -33.04 -16.96 -25.82
C PHE D 27 -34.05 -17.46 -26.85
N ALA D 28 -34.08 -16.82 -28.01
CA ALA D 28 -35.02 -17.19 -29.05
C ALA D 28 -34.36 -17.47 -30.42
N GLY D 29 -33.03 -17.49 -30.45
CA GLY D 29 -32.34 -17.76 -31.69
C GLY D 29 -32.17 -19.25 -31.95
N GLU D 30 -31.23 -19.59 -32.84
CA GLU D 30 -30.97 -20.97 -33.21
C GLU D 30 -29.98 -21.68 -32.27
N ARG D 31 -30.13 -22.99 -32.17
CA ARG D 31 -29.28 -23.79 -31.29
C ARG D 31 -28.07 -24.39 -31.98
N ALA D 32 -27.19 -23.51 -32.45
CA ALA D 32 -25.98 -23.95 -33.15
C ALA D 32 -24.79 -23.03 -32.84
N PRO D 33 -23.58 -23.58 -32.92
CA PRO D 33 -22.36 -22.81 -32.66
C PRO D 33 -22.07 -21.79 -33.73
N THR D 34 -23.02 -20.88 -33.94
CA THR D 34 -22.88 -19.82 -34.93
C THR D 34 -22.50 -18.55 -34.15
N LEU D 35 -22.00 -17.54 -34.86
CA LEU D 35 -21.60 -16.31 -34.20
C LEU D 35 -22.82 -15.51 -33.85
N ALA D 36 -23.87 -15.66 -34.64
CA ALA D 36 -25.12 -14.93 -34.40
C ALA D 36 -25.80 -15.42 -33.12
N THR D 37 -25.59 -16.70 -32.80
CA THR D 37 -26.18 -17.27 -31.60
C THR D 37 -25.38 -16.77 -30.40
N LEU D 38 -24.06 -16.68 -30.59
CA LEU D 38 -23.16 -16.23 -29.54
C LEU D 38 -23.45 -14.80 -29.14
N ARG D 39 -23.63 -13.93 -30.13
CA ARG D 39 -23.94 -12.54 -29.87
C ARG D 39 -25.23 -12.44 -29.06
N GLU D 40 -26.14 -13.38 -29.25
CA GLU D 40 -27.40 -13.34 -28.51
C GLU D 40 -27.25 -13.94 -27.12
N LEU D 41 -26.55 -15.07 -27.02
CA LEU D 41 -26.35 -15.71 -25.74
C LEU D 41 -25.68 -14.77 -24.76
N VAL D 42 -24.67 -14.03 -25.24
CA VAL D 42 -23.95 -13.10 -24.39
C VAL D 42 -24.84 -11.95 -23.99
N TYR D 43 -25.64 -11.50 -24.94
CA TYR D 43 -26.53 -10.38 -24.68
C TYR D 43 -27.58 -10.76 -23.66
N ARG D 44 -28.20 -11.92 -23.86
CA ARG D 44 -29.26 -12.41 -22.98
C ARG D 44 -28.78 -12.65 -21.57
N HIS D 45 -27.67 -13.38 -21.44
CA HIS D 45 -27.13 -13.68 -20.12
C HIS D 45 -26.75 -12.43 -19.34
N THR D 46 -25.86 -11.62 -19.92
CA THR D 46 -25.44 -10.40 -19.27
C THR D 46 -26.62 -9.58 -18.77
N THR D 47 -27.69 -9.50 -19.57
CA THR D 47 -28.87 -8.72 -19.17
C THR D 47 -29.98 -9.50 -18.47
N ALA D 48 -29.72 -10.75 -18.11
CA ALA D 48 -30.72 -11.57 -17.44
C ALA D 48 -30.33 -11.92 -16.00
N ILE D 49 -29.18 -12.57 -15.85
CA ILE D 49 -28.69 -13.00 -14.55
C ILE D 49 -28.09 -11.92 -13.69
N PRO D 50 -28.35 -11.98 -12.37
CA PRO D 50 -27.83 -10.99 -11.41
C PRO D 50 -26.41 -11.31 -10.97
N PHE D 51 -25.68 -10.28 -10.56
CA PHE D 51 -24.31 -10.45 -10.09
C PHE D 51 -24.32 -10.15 -8.60
N GLU D 52 -24.03 -11.16 -7.80
CA GLU D 52 -24.02 -11.00 -6.35
C GLU D 52 -22.97 -11.85 -5.66
N ASN D 53 -22.73 -11.56 -4.39
CA ASN D 53 -21.75 -12.28 -3.57
C ASN D 53 -22.36 -12.55 -2.20
N LEU D 54 -23.68 -12.48 -2.13
CA LEU D 54 -24.38 -12.64 -0.86
C LEU D 54 -24.01 -13.88 -0.05
N GLU D 55 -23.82 -15.01 -0.72
CA GLU D 55 -23.47 -16.25 -0.03
C GLU D 55 -22.20 -16.09 0.79
N ALA D 56 -21.15 -15.54 0.18
CA ALA D 56 -19.88 -15.30 0.86
C ALA D 56 -20.13 -14.43 2.10
N VAL D 57 -20.89 -13.36 1.88
CA VAL D 57 -21.25 -12.41 2.92
C VAL D 57 -21.94 -13.10 4.10
N LEU D 58 -22.89 -13.98 3.80
CA LEU D 58 -23.62 -14.72 4.81
C LEU D 58 -22.77 -15.87 5.39
N GLY D 59 -21.47 -15.84 5.08
CA GLY D 59 -20.57 -16.86 5.58
C GLY D 59 -20.73 -18.21 4.93
N ARG D 60 -21.52 -18.27 3.87
CA ARG D 60 -21.72 -19.54 3.19
C ARG D 60 -20.82 -19.77 1.98
N PRO D 61 -20.48 -21.03 1.73
CA PRO D 61 -19.62 -21.41 0.60
C PRO D 61 -20.27 -21.21 -0.75
N VAL D 62 -19.42 -20.96 -1.75
CA VAL D 62 -19.86 -20.77 -3.12
C VAL D 62 -19.30 -21.98 -3.87
N ARG D 63 -20.18 -22.79 -4.43
CA ARG D 63 -19.74 -23.97 -5.17
C ARG D 63 -19.89 -23.67 -6.65
N LEU D 64 -19.15 -24.39 -7.49
CA LEU D 64 -19.23 -24.18 -8.92
C LEU D 64 -19.67 -25.39 -9.71
N ASP D 65 -20.19 -26.42 -9.03
CA ASP D 65 -20.65 -27.60 -9.74
C ASP D 65 -21.90 -27.17 -10.49
N LEU D 66 -22.04 -27.62 -11.74
CA LEU D 66 -23.20 -27.22 -12.53
C LEU D 66 -24.52 -27.42 -11.81
N ALA D 67 -24.63 -28.49 -11.03
CA ALA D 67 -25.85 -28.78 -10.30
C ALA D 67 -26.27 -27.58 -9.46
N THR D 68 -25.35 -27.11 -8.63
CA THR D 68 -25.59 -25.97 -7.78
C THR D 68 -25.78 -24.71 -8.61
N LEU D 69 -24.94 -24.54 -9.63
CA LEU D 69 -25.04 -23.37 -10.49
C LEU D 69 -26.46 -23.22 -11.02
N GLN D 70 -27.00 -24.32 -11.55
CA GLN D 70 -28.36 -24.30 -12.11
C GLN D 70 -29.41 -24.01 -11.06
N ASP D 71 -29.23 -24.54 -9.86
CA ASP D 71 -30.22 -24.26 -8.82
C ASP D 71 -30.23 -22.79 -8.48
N LYS D 72 -29.05 -22.20 -8.31
CA LYS D 72 -28.95 -20.82 -7.92
C LYS D 72 -29.24 -19.80 -9.01
N LEU D 73 -28.57 -19.88 -10.14
CA LEU D 73 -28.78 -18.90 -11.21
C LEU D 73 -29.94 -19.18 -12.15
N VAL D 74 -30.35 -20.43 -12.27
CA VAL D 74 -31.42 -20.81 -13.18
C VAL D 74 -32.78 -21.06 -12.53
N HIS D 75 -32.79 -21.86 -11.47
CA HIS D 75 -34.03 -22.22 -10.78
C HIS D 75 -34.27 -21.41 -9.52
N SER D 76 -33.69 -20.21 -9.47
CA SER D 76 -33.86 -19.35 -8.33
C SER D 76 -33.66 -17.88 -8.70
N ARG D 77 -34.27 -17.02 -7.90
CA ARG D 77 -34.14 -15.60 -8.10
C ARG D 77 -32.87 -15.19 -7.38
N ARG D 78 -31.74 -15.63 -7.93
CA ARG D 78 -30.44 -15.36 -7.37
C ARG D 78 -29.44 -15.07 -8.50
N GLY D 79 -28.26 -14.59 -8.12
CA GLY D 79 -27.22 -14.30 -9.08
C GLY D 79 -25.95 -15.00 -8.63
N GLY D 80 -24.81 -14.53 -9.11
CA GLY D 80 -23.54 -15.12 -8.74
C GLY D 80 -22.49 -14.20 -9.34
N TYR D 81 -21.21 -14.46 -9.09
CA TYR D 81 -20.18 -13.62 -9.67
C TYR D 81 -19.36 -14.34 -10.74
N CYS D 82 -18.55 -13.57 -11.45
CA CYS D 82 -17.70 -14.08 -12.54
C CYS D 82 -17.53 -15.60 -12.64
N TYR D 83 -17.06 -16.25 -11.59
CA TYR D 83 -16.86 -17.70 -11.65
C TYR D 83 -18.16 -18.46 -11.84
N GLU D 84 -19.12 -18.22 -10.96
CA GLU D 84 -20.41 -18.89 -11.09
C GLU D 84 -21.03 -18.61 -12.47
N ASN D 85 -20.92 -17.37 -12.94
CA ASN D 85 -21.48 -16.99 -14.23
C ASN D 85 -20.79 -17.70 -15.39
N ALA D 86 -19.47 -17.49 -15.48
CA ALA D 86 -18.65 -18.07 -16.53
C ALA D 86 -18.80 -19.58 -16.68
N GLY D 87 -18.86 -20.29 -15.55
CA GLY D 87 -19.01 -21.74 -15.60
C GLY D 87 -20.31 -22.18 -16.23
N LEU D 88 -21.37 -21.45 -15.95
CA LEU D 88 -22.68 -21.79 -16.49
C LEU D 88 -22.68 -21.50 -17.98
N PHE D 89 -22.11 -20.36 -18.34
CA PHE D 89 -22.06 -19.93 -19.73
C PHE D 89 -21.20 -20.85 -20.57
N ALA D 90 -20.15 -21.39 -19.96
CA ALA D 90 -19.26 -22.31 -20.65
C ALA D 90 -19.99 -23.63 -20.87
N ALA D 91 -20.67 -24.10 -19.83
CA ALA D 91 -21.40 -25.36 -19.89
C ALA D 91 -22.46 -25.30 -20.99
N ALA D 92 -22.95 -24.11 -21.27
CA ALA D 92 -23.97 -23.96 -22.29
C ALA D 92 -23.32 -23.75 -23.65
N LEU D 93 -22.24 -22.98 -23.68
CA LEU D 93 -21.54 -22.73 -24.93
C LEU D 93 -21.01 -24.06 -25.47
N GLU D 94 -20.60 -24.94 -24.56
CA GLU D 94 -20.05 -26.22 -24.96
C GLU D 94 -21.14 -27.17 -25.42
N ARG D 95 -22.30 -27.08 -24.78
CA ARG D 95 -23.42 -27.94 -25.13
C ARG D 95 -23.89 -27.63 -26.56
N LEU D 96 -23.81 -26.36 -26.94
CA LEU D 96 -24.24 -25.90 -28.26
C LEU D 96 -23.18 -26.05 -29.34
N GLY D 97 -22.04 -26.62 -28.98
CA GLY D 97 -20.98 -26.86 -29.95
C GLY D 97 -19.96 -25.78 -30.16
N PHE D 98 -19.79 -24.90 -29.17
CA PHE D 98 -18.80 -23.84 -29.27
C PHE D 98 -17.46 -24.31 -28.78
N GLY D 99 -16.41 -23.59 -29.14
CA GLY D 99 -15.07 -23.91 -28.70
C GLY D 99 -14.84 -23.02 -27.49
N VAL D 100 -14.89 -23.63 -26.30
CA VAL D 100 -14.73 -22.88 -25.06
C VAL D 100 -13.37 -23.04 -24.41
N THR D 101 -12.74 -21.93 -24.07
CA THR D 101 -11.42 -21.96 -23.43
C THR D 101 -11.45 -20.92 -22.32
N GLY D 102 -11.03 -21.31 -21.13
CA GLY D 102 -11.02 -20.38 -20.03
C GLY D 102 -9.79 -19.50 -20.00
N HIS D 103 -9.97 -18.27 -19.55
CA HIS D 103 -8.90 -17.29 -19.40
C HIS D 103 -9.18 -16.58 -18.08
N THR D 104 -8.15 -16.14 -17.39
CA THR D 104 -8.38 -15.46 -16.13
C THR D 104 -7.75 -14.06 -16.20
N GLY D 105 -8.37 -13.08 -15.56
CA GLY D 105 -7.84 -11.73 -15.62
C GLY D 105 -7.68 -11.03 -14.28
N ARG D 106 -7.03 -9.88 -14.31
CA ARG D 106 -6.80 -9.07 -13.10
C ARG D 106 -7.58 -7.76 -13.26
N VAL D 107 -8.54 -7.52 -12.38
CA VAL D 107 -9.30 -6.30 -12.49
C VAL D 107 -8.44 -5.18 -11.96
N THR D 108 -8.44 -4.08 -12.71
CA THR D 108 -7.66 -2.90 -12.42
C THR D 108 -8.51 -1.67 -12.13
N MET D 109 -9.60 -1.54 -12.87
CA MET D 109 -10.50 -0.39 -12.74
C MET D 109 -9.69 0.84 -12.44
N GLY D 110 -8.78 1.17 -13.36
CA GLY D 110 -7.94 2.34 -13.23
C GLY D 110 -7.54 2.63 -11.80
N ALA D 111 -6.78 1.71 -11.21
CA ALA D 111 -6.32 1.85 -9.83
C ALA D 111 -4.81 1.76 -9.85
N GLY D 112 -4.26 0.57 -9.61
CA GLY D 112 -2.82 0.42 -9.62
C GLY D 112 -2.31 -0.82 -8.90
N GLY D 113 -1.00 -1.03 -8.97
CA GLY D 113 -0.41 -2.18 -8.32
C GLY D 113 -0.53 -3.47 -9.13
N LEU D 114 -1.02 -4.52 -8.48
CA LEU D 114 -1.15 -5.82 -9.14
C LEU D 114 -2.23 -6.63 -8.44
N ARG D 115 -3.42 -6.66 -9.02
CA ARG D 115 -4.52 -7.41 -8.43
C ARG D 115 -4.46 -8.88 -8.77
N PRO D 116 -5.01 -9.74 -7.90
CA PRO D 116 -5.02 -11.18 -8.14
C PRO D 116 -5.72 -11.45 -9.47
N ALA D 117 -5.34 -12.53 -10.15
CA ALA D 117 -5.97 -12.84 -11.41
C ALA D 117 -7.18 -13.72 -11.13
N THR D 118 -8.25 -13.08 -10.68
CA THR D 118 -9.46 -13.80 -10.30
C THR D 118 -10.74 -13.45 -11.06
N HIS D 119 -10.60 -13.02 -12.30
CA HIS D 119 -11.78 -12.71 -13.08
C HIS D 119 -11.91 -13.64 -14.28
N ALA D 120 -12.83 -14.59 -14.17
CA ALA D 120 -13.07 -15.57 -15.23
C ALA D 120 -13.46 -14.95 -16.57
N LEU D 121 -12.78 -15.37 -17.63
CA LEU D 121 -13.07 -14.91 -18.97
C LEU D 121 -13.25 -16.10 -19.90
N LEU D 122 -13.97 -15.89 -21.00
CA LEU D 122 -14.18 -16.97 -21.95
C LEU D 122 -13.68 -16.67 -23.38
N ARG D 123 -12.75 -17.51 -23.82
CA ARG D 123 -12.15 -17.41 -25.14
C ARG D 123 -12.92 -18.40 -26.01
N VAL D 124 -13.75 -17.89 -26.90
CA VAL D 124 -14.58 -18.75 -27.71
C VAL D 124 -14.38 -18.69 -29.23
N THR D 125 -14.69 -19.81 -29.87
CA THR D 125 -14.62 -19.93 -31.33
C THR D 125 -15.92 -20.57 -31.80
N THR D 126 -16.43 -20.08 -32.93
CA THR D 126 -17.67 -20.60 -33.47
C THR D 126 -17.33 -21.60 -34.57
N ALA D 127 -18.37 -22.19 -35.16
CA ALA D 127 -18.17 -23.14 -36.26
C ALA D 127 -18.15 -22.31 -37.55
N ASP D 128 -18.52 -21.05 -37.44
CA ASP D 128 -18.55 -20.16 -38.59
C ASP D 128 -17.17 -19.91 -39.18
N ASP D 129 -16.21 -19.54 -38.34
CA ASP D 129 -14.86 -19.29 -38.82
C ASP D 129 -13.76 -19.51 -37.77
N ASP D 130 -12.65 -18.79 -37.93
CA ASP D 130 -11.53 -18.89 -37.02
C ASP D 130 -11.35 -17.76 -36.04
N ARG D 131 -12.14 -16.71 -36.17
CA ARG D 131 -12.01 -15.57 -35.27
C ARG D 131 -12.18 -16.05 -33.83
N VAL D 132 -11.57 -15.30 -32.92
CA VAL D 132 -11.60 -15.60 -31.49
C VAL D 132 -12.34 -14.52 -30.71
N TRP D 133 -13.42 -14.90 -30.04
CA TRP D 133 -14.19 -13.94 -29.27
C TRP D 133 -14.08 -14.11 -27.76
N MET D 134 -13.94 -12.98 -27.08
CA MET D 134 -13.85 -12.95 -25.64
C MET D 134 -15.28 -12.77 -25.16
N CYS D 135 -15.73 -13.62 -24.25
CA CYS D 135 -17.08 -13.48 -23.73
C CYS D 135 -17.00 -13.21 -22.25
N ASP D 136 -17.27 -11.98 -21.86
CA ASP D 136 -17.24 -11.57 -20.47
C ASP D 136 -18.67 -11.49 -19.94
N VAL D 137 -19.09 -12.53 -19.23
CA VAL D 137 -20.44 -12.56 -18.72
C VAL D 137 -20.52 -12.60 -17.20
N GLY D 138 -19.39 -12.45 -16.54
CA GLY D 138 -19.43 -12.49 -15.10
C GLY D 138 -18.87 -11.25 -14.44
N PHE D 139 -18.52 -10.25 -15.24
CA PHE D 139 -17.98 -9.02 -14.69
C PHE D 139 -19.08 -8.20 -14.04
N GLY D 140 -20.30 -8.36 -14.53
CA GLY D 140 -21.42 -7.62 -13.97
C GLY D 140 -21.86 -6.41 -14.77
N ARG D 141 -21.03 -5.98 -15.71
CA ARG D 141 -21.35 -4.82 -16.53
C ARG D 141 -21.06 -5.07 -18.01
N GLY D 142 -21.55 -6.20 -18.52
CA GLY D 142 -21.31 -6.51 -19.91
C GLY D 142 -19.84 -6.67 -20.21
N PRO D 143 -19.42 -6.50 -21.48
CA PRO D 143 -20.27 -6.14 -22.62
C PRO D 143 -21.44 -7.10 -22.85
N LEU D 144 -22.55 -6.56 -23.35
CA LEU D 144 -23.71 -7.40 -23.64
C LEU D 144 -23.52 -8.05 -25.01
N ARG D 145 -22.26 -8.09 -25.48
CA ARG D 145 -21.90 -8.71 -26.76
C ARG D 145 -20.44 -9.14 -26.63
N PRO D 146 -20.01 -10.16 -27.39
CA PRO D 146 -18.62 -10.60 -27.29
C PRO D 146 -17.74 -9.69 -28.15
N TYR D 147 -16.47 -9.55 -27.77
CA TYR D 147 -15.56 -8.73 -28.56
C TYR D 147 -14.41 -9.59 -29.09
N GLU D 148 -14.02 -9.32 -30.35
CA GLU D 148 -12.96 -10.07 -30.99
C GLU D 148 -11.62 -9.78 -30.33
N LEU D 149 -10.87 -10.84 -30.06
CA LEU D 149 -9.58 -10.72 -29.44
C LEU D 149 -8.55 -10.32 -30.49
N ARG D 150 -8.45 -9.02 -30.73
CA ARG D 150 -7.48 -8.49 -31.70
C ARG D 150 -7.29 -7.00 -31.40
N PRO D 151 -6.09 -6.47 -31.69
CA PRO D 151 -5.81 -5.05 -31.43
C PRO D 151 -6.94 -4.14 -31.91
N GLN D 152 -7.54 -3.40 -30.98
CA GLN D 152 -8.63 -2.47 -31.31
C GLN D 152 -8.48 -1.19 -30.49
N PRO D 153 -7.37 -0.46 -30.68
CA PRO D 153 -7.06 0.79 -29.97
C PRO D 153 -8.08 1.92 -30.16
N ASP D 154 -8.70 1.98 -31.34
CA ASP D 154 -9.71 3.00 -31.58
C ASP D 154 -11.02 2.65 -30.89
N GLU D 155 -11.61 3.64 -30.23
CA GLU D 155 -12.88 3.47 -29.54
C GLU D 155 -13.87 2.71 -30.42
N PHE D 156 -14.71 1.89 -29.80
CA PHE D 156 -15.72 1.14 -30.51
C PHE D 156 -16.84 0.84 -29.53
N THR D 157 -17.95 0.28 -30.01
CA THR D 157 -19.08 0.02 -29.12
C THR D 157 -19.75 -1.34 -29.21
N LEU D 158 -20.02 -1.90 -28.04
CA LEU D 158 -20.70 -3.19 -27.92
C LEU D 158 -21.98 -2.80 -27.19
N GLY D 159 -23.02 -2.52 -27.97
CA GLY D 159 -24.27 -2.07 -27.40
C GLY D 159 -24.18 -0.56 -27.53
N ASP D 160 -24.42 0.16 -26.44
CA ASP D 160 -24.29 1.62 -26.48
C ASP D 160 -23.09 2.00 -25.61
N TRP D 161 -22.32 0.98 -25.22
CA TRP D 161 -21.16 1.17 -24.36
C TRP D 161 -19.85 1.22 -25.10
N ARG D 162 -19.10 2.30 -24.86
CA ARG D 162 -17.81 2.51 -25.49
C ARG D 162 -16.74 1.65 -24.81
N PHE D 163 -15.88 1.04 -25.61
CA PHE D 163 -14.80 0.18 -25.12
C PHE D 163 -13.58 0.41 -25.99
N ARG D 164 -12.43 -0.02 -25.49
CA ARG D 164 -11.15 0.06 -26.20
C ARG D 164 -10.48 -1.25 -25.82
N LEU D 165 -9.67 -1.80 -26.71
CA LEU D 165 -8.98 -3.04 -26.41
C LEU D 165 -7.58 -2.94 -26.97
N GLU D 166 -6.58 -3.00 -26.08
CA GLU D 166 -5.20 -2.91 -26.53
C GLU D 166 -4.39 -4.15 -26.23
N ARG D 167 -3.52 -4.52 -27.16
CA ARG D 167 -2.68 -5.68 -26.96
C ARG D 167 -1.27 -5.23 -26.63
N ARG D 168 -0.97 -5.14 -25.35
CA ARG D 168 0.36 -4.74 -24.91
C ARG D 168 1.17 -5.98 -24.64
N THR D 169 2.46 -5.81 -24.38
CA THR D 169 3.31 -6.95 -24.08
C THR D 169 3.68 -6.80 -22.61
N GLY D 170 3.43 -7.83 -21.82
CA GLY D 170 3.76 -7.76 -20.41
C GLY D 170 5.19 -8.26 -20.21
N GLU D 171 5.57 -8.53 -18.97
CA GLU D 171 6.92 -9.03 -18.72
C GLU D 171 7.21 -10.20 -19.65
N LEU D 172 8.50 -10.44 -19.91
CA LEU D 172 8.92 -11.52 -20.80
C LEU D 172 8.35 -11.42 -22.21
N GLY D 173 7.93 -10.23 -22.61
CA GLY D 173 7.39 -10.04 -23.95
C GLY D 173 6.13 -10.82 -24.31
N THR D 174 5.41 -11.29 -23.29
CA THR D 174 4.17 -12.03 -23.49
C THR D 174 3.01 -11.06 -23.68
N ASP D 175 1.96 -11.52 -24.33
CA ASP D 175 0.80 -10.67 -24.55
C ASP D 175 0.11 -10.36 -23.24
N LEU D 176 -0.30 -9.11 -23.12
CA LEU D 176 -1.04 -8.67 -21.95
C LEU D 176 -2.17 -7.82 -22.53
N TRP D 177 -3.36 -8.40 -22.62
CA TRP D 177 -4.50 -7.67 -23.15
C TRP D 177 -5.08 -6.74 -22.08
N VAL D 178 -5.56 -5.59 -22.52
CA VAL D 178 -6.10 -4.59 -21.62
C VAL D 178 -7.42 -4.05 -22.20
N LEU D 179 -8.51 -4.30 -21.49
CA LEU D 179 -9.82 -3.82 -21.92
C LEU D 179 -10.11 -2.49 -21.23
N HIS D 180 -10.61 -1.53 -22.00
CA HIS D 180 -10.92 -0.22 -21.44
C HIS D 180 -12.40 0.08 -21.57
N GLN D 181 -12.99 0.69 -20.54
CA GLN D 181 -14.40 1.04 -20.62
C GLN D 181 -14.56 2.52 -20.25
N PHE D 182 -15.53 3.15 -20.88
CA PHE D 182 -15.80 4.57 -20.63
C PHE D 182 -16.98 4.68 -19.70
N GLY D 183 -16.75 5.25 -18.53
CA GLY D 183 -17.81 5.37 -17.55
C GLY D 183 -17.89 6.77 -16.97
N ARG D 184 -18.51 6.88 -15.80
CA ARG D 184 -18.69 8.17 -15.14
C ARG D 184 -17.39 8.95 -14.98
N ASP D 185 -16.28 8.26 -14.74
CA ASP D 185 -15.01 8.94 -14.59
C ASP D 185 -14.19 8.92 -15.88
N GLY D 186 -14.90 8.81 -17.01
CA GLY D 186 -14.22 8.79 -18.30
C GLY D 186 -13.60 7.44 -18.61
N TRP D 187 -12.62 7.43 -19.52
CA TRP D 187 -11.94 6.21 -19.91
C TRP D 187 -11.10 5.60 -18.81
N VAL D 188 -11.38 4.35 -18.49
CA VAL D 188 -10.65 3.64 -17.46
C VAL D 188 -10.30 2.22 -17.94
N ASP D 189 -9.16 1.72 -17.48
CA ASP D 189 -8.71 0.39 -17.82
C ASP D 189 -9.48 -0.57 -16.95
N ARG D 190 -10.38 -1.36 -17.54
CA ARG D 190 -11.15 -2.28 -16.73
C ARG D 190 -10.31 -3.41 -16.14
N TYR D 191 -9.64 -4.16 -17.01
CA TYR D 191 -8.80 -5.28 -16.57
C TYR D 191 -7.78 -5.71 -17.62
N THR D 192 -6.85 -6.56 -17.18
CA THR D 192 -5.83 -7.10 -18.06
C THR D 192 -5.90 -8.62 -17.88
N PHE D 193 -5.43 -9.35 -18.89
CA PHE D 193 -5.45 -10.80 -18.83
C PHE D 193 -4.46 -11.36 -19.82
N THR D 194 -3.97 -12.57 -19.54
CA THR D 194 -3.03 -13.22 -20.44
C THR D 194 -3.79 -14.28 -21.23
N THR D 195 -3.18 -14.77 -22.28
CA THR D 195 -3.83 -15.77 -23.12
C THR D 195 -3.52 -17.19 -22.66
N ALA D 196 -3.26 -17.34 -21.37
CA ALA D 196 -2.95 -18.64 -20.77
C ALA D 196 -4.22 -19.45 -20.59
N PRO D 197 -4.24 -20.69 -21.09
CA PRO D 197 -5.44 -21.53 -20.95
C PRO D 197 -5.84 -21.75 -19.47
N GLN D 198 -7.12 -21.57 -19.17
CA GLN D 198 -7.63 -21.78 -17.82
C GLN D 198 -8.76 -22.79 -17.83
N TYR D 199 -8.82 -23.60 -16.79
CA TYR D 199 -9.83 -24.64 -16.69
C TYR D 199 -10.63 -24.58 -15.39
N ARG D 200 -11.55 -25.52 -15.23
CA ARG D 200 -12.36 -25.52 -14.04
C ARG D 200 -11.60 -25.63 -12.73
N ILE D 201 -10.50 -26.38 -12.67
CA ILE D 201 -9.77 -26.40 -11.41
C ILE D 201 -9.22 -25.01 -11.18
N ASP D 202 -8.71 -24.40 -12.25
CA ASP D 202 -8.15 -23.05 -12.16
C ASP D 202 -9.19 -22.09 -11.60
N PHE D 203 -10.44 -22.23 -12.03
CA PHE D 203 -11.49 -21.36 -11.51
C PHE D 203 -11.82 -21.74 -10.08
N GLU D 204 -11.79 -23.04 -9.76
CA GLU D 204 -12.09 -23.49 -8.40
C GLU D 204 -11.17 -22.79 -7.41
N VAL D 205 -9.89 -22.69 -7.77
CA VAL D 205 -8.90 -22.05 -6.91
C VAL D 205 -9.18 -20.56 -6.77
N GLY D 206 -9.34 -19.88 -7.90
CA GLY D 206 -9.65 -18.47 -7.83
C GLY D 206 -10.90 -18.28 -7.01
N ASN D 207 -11.93 -19.04 -7.35
CA ASN D 207 -13.21 -18.97 -6.65
C ASN D 207 -13.04 -19.18 -5.15
N HIS D 208 -12.11 -20.05 -4.78
CA HIS D 208 -11.86 -20.33 -3.38
C HIS D 208 -11.32 -19.08 -2.68
N PHE D 209 -10.43 -18.37 -3.37
CA PHE D 209 -9.83 -17.16 -2.81
C PHE D 209 -10.88 -16.08 -2.64
N VAL D 210 -11.55 -15.80 -3.74
CA VAL D 210 -12.57 -14.76 -3.78
C VAL D 210 -13.68 -14.94 -2.75
N SER D 211 -13.97 -16.19 -2.40
CA SER D 211 -15.05 -16.44 -1.46
C SER D 211 -14.67 -16.70 0.00
N THR D 212 -13.44 -17.13 0.26
CA THR D 212 -13.06 -17.40 1.64
C THR D 212 -11.84 -16.65 2.13
N SER D 213 -11.17 -15.91 1.25
CA SER D 213 -9.98 -15.19 1.66
C SER D 213 -10.29 -13.84 2.28
N PRO D 214 -9.51 -13.44 3.30
CA PRO D 214 -9.77 -12.12 3.93
C PRO D 214 -9.29 -11.02 2.99
N ARG D 215 -8.18 -11.29 2.30
CA ARG D 215 -7.63 -10.32 1.36
C ARG D 215 -8.69 -9.87 0.35
N SER D 216 -9.71 -10.70 0.12
CA SER D 216 -10.78 -10.38 -0.83
C SER D 216 -11.89 -9.44 -0.34
N PRO D 217 -12.22 -8.42 -1.15
CA PRO D 217 -13.25 -7.43 -0.82
C PRO D 217 -14.61 -8.12 -0.79
N PHE D 218 -14.78 -9.02 -1.76
CA PHE D 218 -16.01 -9.79 -1.95
C PHE D 218 -16.54 -10.58 -0.76
N THR D 219 -15.74 -10.79 0.28
CA THR D 219 -16.23 -11.55 1.41
C THR D 219 -16.76 -10.71 2.54
N THR D 220 -16.51 -9.40 2.45
CA THR D 220 -16.92 -8.43 3.47
C THR D 220 -18.35 -7.91 3.30
N ARG D 221 -18.51 -6.71 2.72
CA ARG D 221 -19.84 -6.15 2.51
C ARG D 221 -20.42 -6.67 1.19
N PRO D 222 -21.74 -6.52 1.00
CA PRO D 222 -22.40 -6.98 -0.24
C PRO D 222 -21.93 -6.21 -1.45
N PHE D 223 -21.96 -6.89 -2.59
CA PHE D 223 -21.59 -6.25 -3.84
C PHE D 223 -22.47 -6.88 -4.89
N LEU D 224 -23.51 -6.15 -5.29
CA LEU D 224 -24.46 -6.65 -6.27
C LEU D 224 -24.45 -5.79 -7.52
N GLN D 225 -24.84 -6.37 -8.65
CA GLN D 225 -24.91 -5.65 -9.92
C GLN D 225 -26.08 -6.18 -10.76
N ARG D 226 -26.60 -5.35 -11.65
CA ARG D 226 -27.67 -5.78 -12.52
C ARG D 226 -27.53 -4.98 -13.81
N PHE D 227 -27.17 -5.67 -14.89
CA PHE D 227 -26.94 -5.02 -16.18
C PHE D 227 -28.10 -5.08 -17.17
N HIS D 228 -28.43 -3.93 -17.75
CA HIS D 228 -29.49 -3.81 -18.74
C HIS D 228 -28.83 -3.21 -19.97
N SER D 229 -29.52 -3.17 -21.09
CA SER D 229 -28.92 -2.62 -22.29
C SER D 229 -28.63 -1.13 -22.15
N ASP D 230 -29.57 -0.40 -21.56
CA ASP D 230 -29.43 1.06 -21.38
C ASP D 230 -29.07 1.60 -19.99
N ARG D 231 -28.67 0.74 -19.06
CA ARG D 231 -28.31 1.21 -17.73
C ARG D 231 -27.70 0.12 -16.86
N HIS D 232 -26.72 0.51 -16.04
CA HIS D 232 -26.02 -0.43 -15.16
C HIS D 232 -26.29 -0.12 -13.67
N HIS D 233 -26.81 -1.12 -12.94
CA HIS D 233 -27.07 -0.98 -11.50
C HIS D 233 -26.01 -1.65 -10.66
N VAL D 234 -25.55 -0.95 -9.63
CA VAL D 234 -24.54 -1.46 -8.71
C VAL D 234 -24.85 -1.11 -7.26
N LEU D 235 -24.65 -2.08 -6.38
CA LEU D 235 -24.86 -1.85 -4.95
C LEU D 235 -23.53 -2.13 -4.27
N ASP D 236 -22.90 -1.07 -3.79
CA ASP D 236 -21.62 -1.18 -3.11
C ASP D 236 -21.91 -1.00 -1.64
N GLY D 237 -22.13 -2.12 -0.94
CA GLY D 237 -22.44 -2.04 0.47
C GLY D 237 -23.75 -1.28 0.57
N LEU D 238 -23.67 0.01 0.89
CA LEU D 238 -24.87 0.83 0.97
C LEU D 238 -24.92 1.89 -0.12
N THR D 239 -23.90 1.94 -0.97
CA THR D 239 -23.89 2.89 -2.07
C THR D 239 -24.63 2.31 -3.28
N LEU D 240 -25.72 2.97 -3.69
CA LEU D 240 -26.50 2.51 -4.84
C LEU D 240 -26.14 3.35 -6.06
N ILE D 241 -25.46 2.73 -7.01
CA ILE D 241 -25.04 3.43 -8.21
C ILE D 241 -25.79 2.97 -9.44
N THR D 242 -26.22 3.92 -10.26
CA THR D 242 -26.88 3.57 -11.48
C THR D 242 -26.18 4.36 -12.55
N GLU D 243 -25.54 3.66 -13.49
CA GLU D 243 -24.80 4.34 -14.55
C GLU D 243 -25.36 4.03 -15.95
N ARG D 244 -25.23 5.00 -16.85
CA ARG D 244 -25.71 4.89 -18.22
C ARG D 244 -24.55 5.04 -19.23
N PRO D 245 -24.75 4.52 -20.46
CA PRO D 245 -23.76 4.57 -21.54
C PRO D 245 -23.11 5.92 -21.85
N ASP D 246 -23.78 7.01 -21.50
CA ASP D 246 -23.21 8.32 -21.80
C ASP D 246 -22.15 8.82 -20.84
N GLY D 247 -21.87 8.05 -19.79
CA GLY D 247 -20.86 8.48 -18.85
C GLY D 247 -21.41 9.27 -17.67
N SER D 248 -22.67 9.02 -17.35
CA SER D 248 -23.32 9.70 -16.23
C SER D 248 -23.89 8.68 -15.26
N ALA D 249 -23.94 9.03 -13.98
CA ALA D 249 -24.44 8.10 -12.98
C ALA D 249 -25.18 8.79 -11.85
N ASP D 250 -26.05 8.05 -11.18
CA ASP D 250 -26.81 8.60 -10.07
C ASP D 250 -26.51 7.80 -8.81
N ILE D 251 -25.73 8.40 -7.91
CA ILE D 251 -25.38 7.75 -6.66
C ILE D 251 -26.46 8.10 -5.64
N ARG D 252 -26.64 7.24 -4.66
CA ARG D 252 -27.64 7.47 -3.63
C ARG D 252 -27.29 6.57 -2.44
N ALA D 253 -27.23 7.14 -1.24
CA ALA D 253 -26.89 6.33 -0.08
C ALA D 253 -28.12 5.61 0.43
N LEU D 254 -27.98 4.32 0.71
CA LEU D 254 -29.08 3.53 1.22
C LEU D 254 -28.96 3.27 2.72
N THR D 255 -30.09 2.98 3.36
CA THR D 255 -30.08 2.63 4.77
C THR D 255 -30.29 1.15 4.73
N PRO D 256 -29.87 0.42 5.77
CA PRO D 256 -30.06 -1.03 5.78
C PRO D 256 -31.51 -1.43 5.53
N GLY D 257 -32.42 -0.73 6.20
CA GLY D 257 -33.83 -1.02 6.03
C GLY D 257 -34.28 -1.03 4.57
N GLU D 258 -33.52 -0.38 3.70
CA GLU D 258 -33.86 -0.31 2.29
C GLU D 258 -33.24 -1.45 1.50
N LEU D 259 -32.29 -2.16 2.09
CA LEU D 259 -31.65 -3.26 1.37
C LEU D 259 -32.60 -4.33 0.86
N PRO D 260 -33.35 -4.99 1.77
CA PRO D 260 -34.30 -6.04 1.39
C PRO D 260 -35.09 -5.72 0.13
N GLU D 261 -35.66 -4.52 0.12
CA GLU D 261 -36.46 -4.06 -0.99
C GLU D 261 -35.66 -3.84 -2.28
N VAL D 262 -34.61 -3.05 -2.21
CA VAL D 262 -33.79 -2.76 -3.38
C VAL D 262 -33.17 -4.02 -4.01
N ILE D 263 -32.82 -4.97 -3.16
CA ILE D 263 -32.23 -6.21 -3.67
C ILE D 263 -33.21 -6.88 -4.62
N ASN D 264 -34.46 -6.99 -4.18
CA ASN D 264 -35.50 -7.60 -5.00
C ASN D 264 -35.86 -6.69 -6.17
N GLU D 265 -36.27 -5.46 -5.88
CA GLU D 265 -36.64 -4.53 -6.93
C GLU D 265 -35.57 -4.50 -8.02
N LEU D 266 -34.53 -3.71 -7.79
CA LEU D 266 -33.44 -3.49 -8.75
C LEU D 266 -32.47 -4.61 -9.10
N PHE D 267 -32.25 -5.57 -8.21
CA PHE D 267 -31.29 -6.63 -8.51
C PHE D 267 -31.89 -8.02 -8.73
N ASP D 268 -33.21 -8.10 -8.72
CA ASP D 268 -33.89 -9.36 -8.93
C ASP D 268 -33.30 -10.47 -8.09
N ILE D 269 -33.10 -10.21 -6.81
CA ILE D 269 -32.56 -11.23 -5.93
C ILE D 269 -33.47 -11.47 -4.74
N GLU D 270 -33.87 -12.73 -4.55
CA GLU D 270 -34.74 -13.12 -3.44
C GLU D 270 -33.90 -13.62 -2.28
N LEU D 271 -34.42 -13.52 -1.06
CA LEU D 271 -33.67 -14.00 0.10
C LEU D 271 -34.53 -14.48 1.26
N PRO D 272 -34.22 -15.68 1.79
CA PRO D 272 -34.98 -16.21 2.92
C PRO D 272 -34.97 -15.17 4.05
N GLY D 273 -36.13 -14.91 4.65
CA GLY D 273 -36.19 -13.93 5.72
C GLY D 273 -34.93 -13.85 6.58
N PRO D 274 -34.55 -14.96 7.25
CA PRO D 274 -33.36 -14.99 8.11
C PRO D 274 -32.12 -14.42 7.43
N ASP D 275 -32.02 -14.65 6.12
CA ASP D 275 -30.89 -14.14 5.34
C ASP D 275 -30.97 -12.62 5.28
N LEU D 276 -32.16 -12.07 5.06
CA LEU D 276 -32.33 -10.62 5.03
C LEU D 276 -31.91 -9.98 6.34
N ASP D 277 -32.42 -10.50 7.46
CA ASP D 277 -32.09 -9.98 8.80
C ASP D 277 -30.57 -9.97 9.02
N ALA D 278 -29.94 -11.10 8.72
CA ALA D 278 -28.49 -11.25 8.86
C ALA D 278 -27.80 -10.14 8.08
N LEU D 279 -28.19 -10.05 6.82
CA LEU D 279 -27.66 -9.04 5.92
C LEU D 279 -27.94 -7.62 6.44
N THR D 280 -29.15 -7.41 6.97
CA THR D 280 -29.60 -6.12 7.47
C THR D 280 -29.00 -5.68 8.81
N THR D 281 -28.48 -6.65 9.55
CA THR D 281 -27.88 -6.38 10.86
C THR D 281 -26.50 -7.04 10.84
N GLY D 282 -25.93 -7.14 9.64
CA GLY D 282 -24.63 -7.77 9.47
C GLY D 282 -23.41 -7.01 9.96
N SER D 283 -22.39 -7.79 10.32
CA SER D 283 -21.13 -7.26 10.81
C SER D 283 -20.59 -6.11 9.94
N TRP D 284 -20.47 -6.36 8.64
CA TRP D 284 -19.93 -5.35 7.71
C TRP D 284 -20.36 -3.89 7.92
N LEU D 285 -21.51 -3.67 8.57
CA LEU D 285 -22.02 -2.31 8.82
C LEU D 285 -21.19 -1.41 9.77
#